data_5OYJ
#
_entry.id   5OYJ
#
_cell.length_a   109.489
_cell.length_b   164.559
_cell.length_c   70.759
_cell.angle_alpha   90.00
_cell.angle_beta   90.00
_cell.angle_gamma   90.00
#
_symmetry.space_group_name_H-M   'P 21 21 2'
#
loop_
_entity.id
_entity.type
_entity.pdbx_description
1 polymer 'DARPin D4b'
2 polymer 'Vascular endothelial growth factor receptor 2'
3 branched 2-acetamido-2-deoxy-beta-D-glucopyranose-(1-4)-2-acetamido-2-deoxy-beta-D-glucopyranose
4 branched alpha-D-glucopyranose-(1-1)-alpha-D-glucopyranose
5 non-polymer 'CALCIUM ION'
6 non-polymer 'SODIUM ION'
7 non-polymer 'CACODYLATE ION'
8 non-polymer 'ACETATE ION'
9 water water
#
loop_
_entity_poly.entity_id
_entity_poly.type
_entity_poly.pdbx_seq_one_letter_code
_entity_poly.pdbx_strand_id
1 'polypeptide(L)'
;MRGSHHHHHHGSDLGKKLLEAARAGQDDEVRILMANGADVNAHDQNGFTPLHLAAWYGHLEIVGVLLKNGADVNAFDKYG
FTPLHLAAEEGHLEVVEVLLKYGADVNAKDEHGSTPLHLAADIGHLEIVEVLLKNGADVNAQDKFGKTAFDISIDNGNED
LAEILQKLN
;
A,B
2 'polypeptide(L)'
;APLAEKPFVAFGSGMESLVEATVGERVRIPAKYLGYPPPEIKWYKNGIPLESNHTIKAGHVLTIMEVSERDTGNYTVILT
NPISKEKQSHVVSLVVYVPPQIGEKSLISPVDSYQYGTTQTLTCTVYAIPPPHHIHWYWQLEEECANEPSQAVSVTNPYP
CEEWRSVEDFQGGNKIEVNKNQFALIEGKNKTVSTLVIQAANVSALYKCEAVNKVGRGERVISFHVTRHHHHHH
;
C,D
#
loop_
_chem_comp.id
_chem_comp.type
_chem_comp.name
_chem_comp.formula
ACT non-polymer 'ACETATE ION' 'C2 H3 O2 -1'
CA non-polymer 'CALCIUM ION' 'Ca 2'
CAC non-polymer 'CACODYLATE ION' 'C2 H6 As O2 -1'
GLC D-saccharide, alpha linking alpha-D-glucopyranose 'C6 H12 O6'
NA non-polymer 'SODIUM ION' 'Na 1'
NAG D-saccharide, beta linking 2-acetamido-2-deoxy-beta-D-glucopyranose 'C8 H15 N O6'
#
# COMPACT_ATOMS: atom_id res chain seq x y z
N HIS A 9 -39.53 -25.76 -6.86
CA HIS A 9 -38.55 -25.74 -7.95
C HIS A 9 -37.11 -25.70 -7.44
N HIS A 10 -36.85 -24.80 -6.50
CA HIS A 10 -35.49 -24.53 -6.04
C HIS A 10 -35.37 -24.75 -4.54
N GLY A 11 -34.21 -25.23 -4.12
CA GLY A 11 -33.90 -25.40 -2.72
C GLY A 11 -32.74 -24.53 -2.29
N SER A 12 -33.02 -23.38 -1.67
CA SER A 12 -31.97 -22.45 -1.27
C SER A 12 -31.06 -23.07 -0.21
N ASP A 13 -31.64 -23.89 0.68
CA ASP A 13 -30.85 -24.59 1.69
C ASP A 13 -29.83 -25.52 1.05
N LEU A 14 -30.10 -25.98 -0.17
CA LEU A 14 -29.24 -26.98 -0.78
C LEU A 14 -27.81 -26.47 -0.98
N GLY A 15 -27.66 -25.19 -1.31
CA GLY A 15 -26.34 -24.65 -1.48
C GLY A 15 -25.52 -24.68 -0.19
N LYS A 16 -26.17 -24.37 0.94
CA LYS A 16 -25.47 -24.42 2.22
C LYS A 16 -25.02 -25.84 2.54
N LYS A 17 -25.86 -26.84 2.24
CA LYS A 17 -25.48 -28.24 2.46
C LYS A 17 -24.31 -28.63 1.57
N LEU A 18 -24.30 -28.14 0.33
CA LEU A 18 -23.27 -28.54 -0.61
C LEU A 18 -21.90 -28.00 -0.20
N LEU A 19 -21.87 -26.78 0.34
CA LEU A 19 -20.64 -26.25 0.89
C LEU A 19 -20.05 -27.18 1.95
N GLU A 20 -20.88 -27.61 2.89
CA GLU A 20 -20.34 -28.43 3.97
C GLU A 20 -20.04 -29.85 3.50
N ALA A 21 -20.87 -30.38 2.60
CA ALA A 21 -20.56 -31.68 2.01
C ALA A 21 -19.22 -31.64 1.27
N ALA A 22 -18.97 -30.57 0.53
CA ALA A 22 -17.69 -30.44 -0.17
C ALA A 22 -16.53 -30.25 0.82
N ARG A 23 -16.76 -29.51 1.90
CA ARG A 23 -15.69 -29.28 2.85
C ARG A 23 -15.30 -30.58 3.54
N ALA A 24 -16.28 -31.37 3.94
CA ALA A 24 -16.09 -32.60 4.69
C ALA A 24 -15.79 -33.80 3.79
N GLY A 25 -15.59 -33.58 2.49
CA GLY A 25 -15.28 -34.67 1.58
C GLY A 25 -16.34 -35.76 1.52
N GLN A 26 -17.61 -35.38 1.60
CA GLN A 26 -18.73 -36.32 1.56
C GLN A 26 -19.18 -36.53 0.11
N ASP A 27 -18.46 -37.40 -0.59
CA ASP A 27 -18.68 -37.64 -2.01
C ASP A 27 -20.12 -38.00 -2.35
N ASP A 28 -20.70 -38.98 -1.63
CA ASP A 28 -22.07 -39.40 -1.96
C ASP A 28 -23.07 -38.31 -1.63
N GLU A 29 -22.80 -37.53 -0.60
CA GLU A 29 -23.68 -36.42 -0.28
C GLU A 29 -23.59 -35.35 -1.37
N VAL A 30 -22.38 -35.04 -1.85
CA VAL A 30 -22.27 -34.09 -2.96
C VAL A 30 -23.05 -34.59 -4.17
N ARG A 31 -22.99 -35.89 -4.43
CA ARG A 31 -23.64 -36.43 -5.60
C ARG A 31 -25.15 -36.29 -5.50
N ILE A 32 -25.69 -36.52 -4.29
CA ILE A 32 -27.12 -36.38 -4.07
C ILE A 32 -27.57 -34.93 -4.13
N LEU A 33 -26.82 -34.02 -3.49
CA LEU A 33 -27.20 -32.61 -3.52
C LEU A 33 -27.21 -32.07 -4.94
N MET A 34 -26.24 -32.45 -5.76
CA MET A 34 -26.21 -31.95 -7.13
C MET A 34 -27.35 -32.52 -7.96
N ALA A 35 -27.67 -33.80 -7.75
CA ALA A 35 -28.79 -34.41 -8.47
C ALA A 35 -30.09 -33.74 -8.13
N ASN A 36 -30.18 -33.14 -6.95
CA ASN A 36 -31.35 -32.40 -6.54
C ASN A 36 -31.26 -30.91 -6.85
N GLY A 37 -30.39 -30.51 -7.78
CA GLY A 37 -30.35 -29.14 -8.25
C GLY A 37 -29.55 -28.17 -7.40
N ALA A 38 -28.68 -28.66 -6.52
CA ALA A 38 -27.88 -27.76 -5.72
C ALA A 38 -26.97 -26.93 -6.62
N ASP A 39 -26.78 -25.67 -6.24
CA ASP A 39 -26.00 -24.70 -7.03
C ASP A 39 -24.50 -24.86 -6.76
N VAL A 40 -23.76 -25.35 -7.76
CA VAL A 40 -22.33 -25.57 -7.60
C VAL A 40 -21.59 -24.29 -7.27
N ASN A 41 -22.14 -23.13 -7.62
CA ASN A 41 -21.53 -21.84 -7.35
C ASN A 41 -22.16 -21.13 -6.16
N ALA A 42 -22.78 -21.86 -5.25
CA ALA A 42 -23.16 -21.28 -3.97
C ALA A 42 -21.94 -20.68 -3.28
N HIS A 43 -22.16 -19.68 -2.42
CA HIS A 43 -21.07 -19.11 -1.64
C HIS A 43 -21.57 -18.88 -0.21
N ASP A 44 -20.65 -18.83 0.75
CA ASP A 44 -21.01 -18.56 2.13
C ASP A 44 -20.56 -17.14 2.52
N GLN A 45 -20.64 -16.81 3.81
CA GLN A 45 -20.26 -15.49 4.30
C GLN A 45 -18.76 -15.24 4.27
N ASN A 46 -17.96 -16.28 4.08
CA ASN A 46 -16.56 -16.07 3.79
C ASN A 46 -16.30 -15.81 2.31
N GLY A 47 -17.32 -15.96 1.48
CA GLY A 47 -17.08 -15.98 0.05
C GLY A 47 -16.57 -17.28 -0.52
N PHE A 48 -16.52 -18.35 0.31
CA PHE A 48 -16.13 -19.66 -0.17
C PHE A 48 -17.20 -20.27 -1.08
N THR A 49 -16.77 -20.84 -2.18
CA THR A 49 -17.63 -21.70 -2.96
C THR A 49 -17.32 -23.15 -2.65
N PRO A 50 -18.16 -24.09 -3.09
CA PRO A 50 -17.83 -25.51 -2.87
C PRO A 50 -16.47 -25.89 -3.44
N LEU A 51 -16.10 -25.35 -4.59
CA LEU A 51 -14.79 -25.63 -5.16
C LEU A 51 -13.67 -25.15 -4.23
N HIS A 52 -13.82 -23.95 -3.65
CA HIS A 52 -12.85 -23.50 -2.64
C HIS A 52 -12.64 -24.55 -1.59
N LEU A 53 -13.73 -25.04 -0.99
CA LEU A 53 -13.57 -25.92 0.16
C LEU A 53 -13.02 -27.27 -0.27
N ALA A 54 -13.54 -27.83 -1.35
CA ALA A 54 -13.04 -29.12 -1.79
C ALA A 54 -11.57 -29.04 -2.15
N ALA A 55 -11.18 -27.95 -2.81
CA ALA A 55 -9.78 -27.80 -3.17
C ALA A 55 -8.94 -27.56 -1.93
N TRP A 56 -9.44 -26.73 -1.00
CA TRP A 56 -8.71 -26.37 0.20
C TRP A 56 -8.38 -27.59 1.04
N TYR A 57 -9.31 -28.56 1.09
CA TYR A 57 -9.11 -29.81 1.82
C TYR A 57 -8.60 -30.93 0.91
N GLY A 58 -8.26 -30.63 -0.34
CA GLY A 58 -7.67 -31.64 -1.22
C GLY A 58 -8.60 -32.81 -1.57
N HIS A 59 -9.91 -32.57 -1.67
CA HIS A 59 -10.85 -33.64 -2.02
C HIS A 59 -10.93 -33.74 -3.53
N LEU A 60 -9.96 -34.47 -4.08
CA LEU A 60 -9.71 -34.47 -5.52
C LEU A 60 -10.95 -34.83 -6.33
N GLU A 61 -11.61 -35.93 -5.99
N GLU A 61 -11.60 -35.91 -5.98
CA GLU A 61 -12.76 -36.38 -6.76
CA GLU A 61 -12.74 -36.38 -6.77
C GLU A 61 -13.89 -35.36 -6.75
C GLU A 61 -13.90 -35.39 -6.74
N ILE A 62 -14.13 -34.74 -5.60
CA ILE A 62 -15.19 -33.74 -5.53
C ILE A 62 -14.80 -32.53 -6.34
N VAL A 63 -13.52 -32.15 -6.30
CA VAL A 63 -13.03 -31.06 -7.13
C VAL A 63 -13.33 -31.34 -8.59
N GLY A 64 -13.10 -32.57 -9.03
CA GLY A 64 -13.42 -32.91 -10.41
C GLY A 64 -14.90 -32.80 -10.70
N VAL A 65 -15.73 -33.32 -9.78
CA VAL A 65 -17.18 -33.31 -9.99
C VAL A 65 -17.71 -31.89 -10.14
N LEU A 66 -17.27 -30.98 -9.25
CA LEU A 66 -17.73 -29.58 -9.32
C LEU A 66 -17.23 -28.91 -10.59
N LEU A 67 -15.95 -29.08 -10.92
CA LEU A 67 -15.44 -28.51 -12.16
C LEU A 67 -16.21 -29.03 -13.36
N LYS A 68 -16.54 -30.32 -13.36
CA LYS A 68 -17.22 -30.88 -14.51
C LYS A 68 -18.65 -30.35 -14.64
N ASN A 69 -19.22 -29.81 -13.58
CA ASN A 69 -20.57 -29.26 -13.62
C ASN A 69 -20.61 -27.74 -13.49
N GLY A 70 -19.56 -27.06 -13.94
CA GLY A 70 -19.65 -25.62 -14.14
C GLY A 70 -19.27 -24.74 -12.98
N ALA A 71 -18.62 -25.26 -11.96
CA ALA A 71 -18.08 -24.40 -10.91
C ALA A 71 -17.06 -23.42 -11.50
N ASP A 72 -17.15 -22.18 -11.09
CA ASP A 72 -16.24 -21.13 -11.56
C ASP A 72 -14.88 -21.36 -10.93
N VAL A 73 -13.91 -21.78 -11.77
CA VAL A 73 -12.59 -22.15 -11.28
C VAL A 73 -11.82 -20.94 -10.74
N ASN A 74 -12.22 -19.72 -11.09
CA ASN A 74 -11.48 -18.53 -10.70
C ASN A 74 -12.23 -17.67 -9.71
N ALA A 75 -13.22 -18.24 -9.04
CA ALA A 75 -13.93 -17.48 -8.03
C ALA A 75 -12.99 -17.05 -6.91
N PHE A 76 -13.21 -15.85 -6.38
N PHE A 76 -13.18 -15.82 -6.44
CA PHE A 76 -12.42 -15.34 -5.28
CA PHE A 76 -12.50 -15.25 -5.30
C PHE A 76 -13.29 -15.04 -4.08
C PHE A 76 -13.41 -15.34 -4.09
N ASP A 77 -12.81 -15.40 -2.90
CA ASP A 77 -13.55 -15.23 -1.67
C ASP A 77 -13.35 -13.82 -1.11
N LYS A 78 -13.83 -13.61 0.12
CA LYS A 78 -13.84 -12.31 0.77
C LYS A 78 -12.46 -11.71 0.92
N TYR A 79 -11.40 -12.53 0.92
CA TYR A 79 -10.03 -12.05 1.05
C TYR A 79 -9.22 -12.16 -0.22
N GLY A 80 -9.83 -12.45 -1.36
CA GLY A 80 -9.13 -12.55 -2.62
C GLY A 80 -8.57 -13.92 -2.96
N PHE A 81 -8.73 -14.90 -2.08
CA PHE A 81 -8.25 -16.26 -2.35
C PHE A 81 -9.16 -16.95 -3.35
N THR A 82 -8.54 -17.56 -4.38
CA THR A 82 -9.11 -18.47 -5.35
C THR A 82 -8.86 -19.91 -4.94
N PRO A 83 -9.61 -20.86 -5.49
CA PRO A 83 -9.35 -22.26 -5.12
C PRO A 83 -7.89 -22.67 -5.34
N LEU A 84 -7.25 -22.14 -6.39
CA LEU A 84 -5.83 -22.42 -6.61
C LEU A 84 -4.97 -21.91 -5.44
N HIS A 85 -5.26 -20.71 -4.93
CA HIS A 85 -4.54 -20.23 -3.74
C HIS A 85 -4.61 -21.25 -2.61
N LEU A 86 -5.81 -21.70 -2.29
CA LEU A 86 -6.03 -22.56 -1.14
C LEU A 86 -5.37 -23.91 -1.35
N ALA A 87 -5.49 -24.49 -2.54
CA ALA A 87 -4.88 -25.78 -2.81
C ALA A 87 -3.36 -25.68 -2.81
N ALA A 88 -2.81 -24.63 -3.40
CA ALA A 88 -1.36 -24.49 -3.42
C ALA A 88 -0.83 -24.34 -2.01
N GLU A 89 -1.47 -23.48 -1.22
CA GLU A 89 -1.00 -23.24 0.13
C GLU A 89 -1.01 -24.52 0.96
N GLU A 90 -1.99 -25.38 0.71
CA GLU A 90 -2.12 -26.60 1.47
C GLU A 90 -1.34 -27.77 0.89
N GLY A 91 -0.64 -27.58 -0.22
CA GLY A 91 0.21 -28.62 -0.76
C GLY A 91 -0.53 -29.71 -1.49
N HIS A 92 -1.76 -29.46 -1.94
CA HIS A 92 -2.56 -30.50 -2.61
C HIS A 92 -2.20 -30.50 -4.09
N LEU A 93 -1.22 -31.29 -4.44
CA LEU A 93 -0.61 -31.22 -5.76
C LEU A 93 -1.62 -31.60 -6.86
N GLU A 94 -2.29 -32.73 -6.70
CA GLU A 94 -3.17 -33.21 -7.76
C GLU A 94 -4.33 -32.26 -7.97
N VAL A 95 -4.82 -31.67 -6.88
CA VAL A 95 -5.85 -30.65 -7.01
C VAL A 95 -5.33 -29.46 -7.80
N VAL A 96 -4.09 -29.03 -7.51
CA VAL A 96 -3.52 -27.88 -8.21
C VAL A 96 -3.50 -28.16 -9.71
N GLU A 97 -3.12 -29.38 -10.09
CA GLU A 97 -3.04 -29.71 -11.50
C GLU A 97 -4.40 -29.72 -12.19
N VAL A 98 -5.45 -30.23 -11.52
CA VAL A 98 -6.75 -30.27 -12.18
C VAL A 98 -7.35 -28.86 -12.26
N LEU A 99 -7.12 -28.01 -11.23
CA LEU A 99 -7.56 -26.62 -11.33
C LEU A 99 -6.90 -25.93 -12.51
N LEU A 100 -5.59 -26.14 -12.65
CA LEU A 100 -4.89 -25.55 -13.78
C LEU A 100 -5.39 -26.13 -15.09
N LYS A 101 -5.77 -27.40 -15.08
CA LYS A 101 -6.29 -28.01 -16.29
C LYS A 101 -7.62 -27.38 -16.70
N TYR A 102 -8.44 -26.98 -15.72
CA TYR A 102 -9.72 -26.34 -16.00
C TYR A 102 -9.62 -24.82 -16.08
N GLY A 103 -8.42 -24.28 -16.29
CA GLY A 103 -8.25 -22.88 -16.60
C GLY A 103 -8.07 -21.96 -15.42
N ALA A 104 -7.65 -22.45 -14.27
CA ALA A 104 -7.32 -21.59 -13.16
C ALA A 104 -6.23 -20.60 -13.55
N ASP A 105 -6.38 -19.36 -13.08
CA ASP A 105 -5.40 -18.31 -13.28
C ASP A 105 -4.24 -18.48 -12.30
N VAL A 106 -3.08 -18.92 -12.80
CA VAL A 106 -1.91 -19.15 -11.94
C VAL A 106 -1.44 -17.87 -11.26
N ASN A 107 -1.72 -16.69 -11.84
CA ASN A 107 -1.22 -15.44 -11.27
C ASN A 107 -2.32 -14.56 -10.64
N ALA A 108 -3.45 -15.16 -10.30
CA ALA A 108 -4.44 -14.47 -9.48
C ALA A 108 -3.81 -13.92 -8.20
N LYS A 109 -4.23 -12.73 -7.81
CA LYS A 109 -3.74 -12.05 -6.63
C LYS A 109 -4.82 -11.93 -5.57
N ASP A 110 -4.46 -12.18 -4.30
CA ASP A 110 -5.42 -11.98 -3.21
C ASP A 110 -5.35 -10.51 -2.79
N GLU A 111 -6.08 -10.16 -1.72
CA GLU A 111 -6.14 -8.75 -1.33
C GLU A 111 -4.80 -8.20 -0.89
N HIS A 112 -3.85 -9.05 -0.53
N HIS A 112 -3.87 -9.07 -0.53
CA HIS A 112 -2.53 -8.54 -0.18
CA HIS A 112 -2.52 -8.68 -0.14
C HIS A 112 -1.54 -8.68 -1.32
C HIS A 112 -1.59 -8.55 -1.34
N GLY A 113 -2.03 -8.97 -2.53
CA GLY A 113 -1.18 -9.06 -3.67
C GLY A 113 -0.47 -10.37 -3.86
N SER A 114 -0.72 -11.36 -3.01
CA SER A 114 -0.04 -12.64 -3.11
C SER A 114 -0.63 -13.48 -4.24
N THR A 115 0.26 -14.07 -5.03
CA THR A 115 -0.12 -15.11 -5.99
C THR A 115 0.03 -16.49 -5.35
N PRO A 116 -0.52 -17.53 -5.97
CA PRO A 116 -0.29 -18.89 -5.42
C PRO A 116 1.17 -19.22 -5.22
N LEU A 117 2.01 -18.73 -6.15
CA LEU A 117 3.45 -18.87 -6.03
C LEU A 117 3.98 -18.21 -4.76
N HIS A 118 3.49 -17.01 -4.42
CA HIS A 118 3.90 -16.42 -3.15
C HIS A 118 3.50 -17.30 -1.96
N LEU A 119 2.28 -17.80 -2.00
CA LEU A 119 1.77 -18.56 -0.86
C LEU A 119 2.52 -19.86 -0.72
N ALA A 120 2.71 -20.56 -1.83
CA ALA A 120 3.41 -21.84 -1.75
C ALA A 120 4.88 -21.65 -1.36
N ALA A 121 5.50 -20.57 -1.83
CA ALA A 121 6.89 -20.31 -1.49
C ALA A 121 7.05 -20.02 -0.01
N ASP A 122 6.10 -19.29 0.56
CA ASP A 122 6.24 -18.91 1.96
C ASP A 122 6.09 -20.13 2.88
N ILE A 123 5.12 -21.00 2.59
CA ILE A 123 4.96 -22.26 3.34
C ILE A 123 6.18 -23.14 3.13
N GLY A 124 6.60 -23.29 1.88
CA GLY A 124 7.76 -24.11 1.53
C GLY A 124 7.48 -25.31 0.66
N HIS A 125 6.38 -25.30 -0.11
CA HIS A 125 6.00 -26.43 -0.98
C HIS A 125 6.78 -26.40 -2.30
N LEU A 126 7.91 -27.09 -2.35
CA LEU A 126 8.78 -27.03 -3.52
C LEU A 126 8.10 -27.61 -4.77
N GLU A 127 7.46 -28.78 -4.66
CA GLU A 127 6.85 -29.37 -5.85
C GLU A 127 5.69 -28.51 -6.37
N ILE A 128 4.85 -27.98 -5.48
CA ILE A 128 3.82 -27.03 -5.88
C ILE A 128 4.44 -25.84 -6.62
N VAL A 129 5.57 -25.32 -6.12
CA VAL A 129 6.24 -24.21 -6.79
C VAL A 129 6.66 -24.64 -8.20
N GLU A 130 7.20 -25.83 -8.33
CA GLU A 130 7.59 -26.29 -9.65
C GLU A 130 6.40 -26.35 -10.60
N VAL A 131 5.26 -26.86 -10.13
CA VAL A 131 4.10 -26.99 -11.00
C VAL A 131 3.58 -25.61 -11.39
N LEU A 132 3.42 -24.72 -10.42
CA LEU A 132 3.04 -23.35 -10.72
C LEU A 132 3.95 -22.73 -11.77
N LEU A 133 5.29 -22.88 -11.60
CA LEU A 133 6.24 -22.28 -12.53
C LEU A 133 6.09 -22.86 -13.93
N LYS A 134 5.88 -24.16 -14.01
CA LYS A 134 5.80 -24.68 -15.36
C LYS A 134 4.46 -24.33 -16.01
N ASN A 135 3.53 -23.77 -15.25
CA ASN A 135 2.24 -23.32 -15.76
C ASN A 135 2.12 -21.80 -15.82
N GLY A 136 3.24 -21.08 -15.89
CA GLY A 136 3.20 -19.68 -16.21
C GLY A 136 3.20 -18.72 -15.05
N ALA A 137 3.46 -19.19 -13.82
CA ALA A 137 3.60 -18.31 -12.69
C ALA A 137 4.63 -17.22 -12.99
N ASP A 138 4.30 -15.99 -12.61
CA ASP A 138 5.20 -14.86 -12.83
C ASP A 138 6.17 -14.78 -11.65
N VAL A 139 7.42 -15.22 -11.85
CA VAL A 139 8.39 -15.14 -10.74
C VAL A 139 8.64 -13.70 -10.32
N ASN A 140 8.40 -12.73 -11.19
CA ASN A 140 8.69 -11.35 -10.87
C ASN A 140 7.56 -10.66 -10.15
N ALA A 141 6.44 -11.34 -9.91
CA ALA A 141 5.31 -10.66 -9.30
C ALA A 141 5.63 -10.27 -7.87
N GLN A 142 5.30 -9.05 -7.50
CA GLN A 142 5.49 -8.57 -6.14
C GLN A 142 4.16 -8.50 -5.42
N ASP A 143 4.14 -8.88 -4.15
CA ASP A 143 2.98 -8.64 -3.31
C ASP A 143 2.96 -7.16 -2.93
N LYS A 144 2.07 -6.77 -2.02
CA LYS A 144 1.95 -5.36 -1.63
C LYS A 144 3.01 -4.92 -0.62
N PHE A 145 3.86 -5.81 -0.14
CA PHE A 145 5.07 -5.43 0.59
C PHE A 145 6.28 -5.35 -0.31
N GLY A 146 6.10 -5.53 -1.62
CA GLY A 146 7.20 -5.54 -2.54
C GLY A 146 8.01 -6.81 -2.60
N LYS A 147 7.50 -7.92 -2.08
CA LYS A 147 8.24 -9.17 -2.03
C LYS A 147 7.92 -10.02 -3.26
N THR A 148 8.97 -10.58 -3.87
CA THR A 148 8.80 -11.66 -4.84
C THR A 148 8.86 -13.01 -4.12
N ALA A 149 8.53 -14.07 -4.85
CA ALA A 149 8.64 -15.40 -4.27
C ALA A 149 10.09 -15.69 -3.88
N PHE A 150 11.03 -15.26 -4.72
CA PHE A 150 12.45 -15.40 -4.40
C PHE A 150 12.75 -14.73 -3.07
N ASP A 151 12.37 -13.46 -2.93
CA ASP A 151 12.58 -12.74 -1.67
C ASP A 151 12.02 -13.52 -0.50
N ILE A 152 10.80 -14.04 -0.65
CA ILE A 152 10.13 -14.77 0.41
C ILE A 152 10.90 -16.02 0.76
N SER A 153 11.38 -16.74 -0.25
CA SER A 153 12.16 -17.96 0.02
C SER A 153 13.46 -17.65 0.75
N ILE A 154 14.12 -16.54 0.41
CA ILE A 154 15.34 -16.14 1.12
C ILE A 154 15.02 -15.72 2.56
N ASP A 155 13.92 -15.00 2.77
CA ASP A 155 13.54 -14.66 4.15
C ASP A 155 13.42 -15.90 5.02
N ASN A 156 13.00 -17.03 4.46
CA ASN A 156 12.84 -18.27 5.21
C ASN A 156 14.11 -19.07 5.32
N GLY A 157 15.23 -18.57 4.80
CA GLY A 157 16.43 -19.37 4.64
C GLY A 157 16.28 -20.57 3.73
N ASN A 158 15.43 -20.48 2.71
CA ASN A 158 15.20 -21.65 1.85
C ASN A 158 15.94 -21.47 0.52
N GLU A 159 17.24 -21.77 0.54
CA GLU A 159 18.06 -21.51 -0.66
C GLU A 159 17.73 -22.45 -1.80
N ASP A 160 17.32 -23.69 -1.49
CA ASP A 160 16.96 -24.63 -2.56
C ASP A 160 15.76 -24.12 -3.33
N LEU A 161 14.81 -23.50 -2.63
CA LEU A 161 13.65 -22.94 -3.29
C LEU A 161 14.04 -21.71 -4.10
N ALA A 162 14.84 -20.82 -3.52
CA ALA A 162 15.32 -19.66 -4.26
C ALA A 162 15.97 -20.05 -5.58
N GLU A 163 16.70 -21.16 -5.61
CA GLU A 163 17.32 -21.54 -6.87
C GLU A 163 16.28 -22.04 -7.86
N ILE A 164 15.15 -22.54 -7.38
CA ILE A 164 14.05 -22.94 -8.25
C ILE A 164 13.35 -21.72 -8.83
N LEU A 165 13.25 -20.62 -8.05
CA LEU A 165 12.44 -19.45 -8.37
C LEU A 165 13.17 -18.52 -9.35
N GLN A 166 13.31 -18.99 -10.57
CA GLN A 166 14.08 -18.34 -11.62
C GLN A 166 13.27 -18.45 -12.91
N LYS A 167 13.22 -17.37 -13.69
CA LYS A 167 12.34 -17.35 -14.85
C LYS A 167 12.67 -18.45 -15.86
N LEU A 168 11.61 -19.12 -16.35
CA LEU A 168 11.71 -20.13 -17.39
C LEU A 168 11.81 -19.50 -18.78
N ASN A 169 11.73 -18.18 -18.87
CA ASN A 169 11.84 -17.47 -20.13
C ASN A 169 13.23 -17.64 -20.73
N ASP B 13 -34.91 25.06 -16.13
CA ASP B 13 -34.68 23.86 -15.33
C ASP B 13 -33.48 24.00 -14.39
N LEU B 14 -33.67 23.52 -13.15
CA LEU B 14 -32.62 23.64 -12.14
C LEU B 14 -31.39 22.82 -12.53
N GLY B 15 -31.60 21.63 -13.11
CA GLY B 15 -30.47 20.80 -13.50
C GLY B 15 -29.59 21.47 -14.52
N LYS B 16 -30.21 22.16 -15.49
CA LYS B 16 -29.41 22.89 -16.47
C LYS B 16 -28.59 23.99 -15.82
N LYS B 17 -29.18 24.69 -14.85
CA LYS B 17 -28.43 25.73 -14.15
C LYS B 17 -27.27 25.14 -13.37
N LEU B 18 -27.48 23.97 -12.76
CA LEU B 18 -26.42 23.37 -11.97
C LEU B 18 -25.26 22.94 -12.86
N LEU B 19 -25.58 22.37 -14.04
CA LEU B 19 -24.53 22.00 -14.98
C LEU B 19 -23.64 23.19 -15.32
N GLU B 20 -24.26 24.33 -15.62
CA GLU B 20 -23.48 25.50 -16.05
C GLU B 20 -22.76 26.14 -14.87
N ALA B 21 -23.37 26.13 -13.69
CA ALA B 21 -22.67 26.64 -12.50
C ALA B 21 -21.42 25.82 -12.22
N ALA B 22 -21.51 24.50 -12.34
CA ALA B 22 -20.34 23.65 -12.11
C ALA B 22 -19.29 23.89 -13.17
N ARG B 23 -19.71 24.08 -14.42
CA ARG B 23 -18.79 24.35 -15.49
C ARG B 23 -18.09 25.67 -15.28
N ALA B 24 -18.84 26.68 -14.88
CA ALA B 24 -18.34 28.04 -14.73
C ALA B 24 -17.68 28.28 -13.39
N GLY B 25 -17.50 27.25 -12.58
CA GLY B 25 -16.83 27.39 -11.29
C GLY B 25 -17.48 28.36 -10.33
N GLN B 26 -18.81 28.39 -10.28
CA GLN B 26 -19.55 29.30 -9.40
C GLN B 26 -19.71 28.62 -8.06
N ASP B 27 -18.62 28.62 -7.28
CA ASP B 27 -18.57 27.83 -6.04
C ASP B 27 -19.75 28.15 -5.12
N ASP B 28 -19.97 29.45 -4.86
CA ASP B 28 -21.06 29.82 -3.96
C ASP B 28 -22.43 29.57 -4.57
N GLU B 29 -22.55 29.68 -5.89
CA GLU B 29 -23.85 29.57 -6.54
C GLU B 29 -24.37 28.13 -6.55
N VAL B 30 -23.53 27.13 -6.83
CA VAL B 30 -24.02 25.75 -6.85
C VAL B 30 -24.66 25.40 -5.52
N ARG B 31 -24.12 25.93 -4.41
CA ARG B 31 -24.68 25.59 -3.10
C ARG B 31 -26.12 26.08 -2.98
N ILE B 32 -26.44 27.21 -3.60
CA ILE B 32 -27.82 27.71 -3.58
C ILE B 32 -28.73 26.78 -4.36
N LEU B 33 -28.28 26.33 -5.54
CA LEU B 33 -29.04 25.36 -6.31
C LEU B 33 -29.17 24.05 -5.53
N MET B 34 -28.14 23.68 -4.78
CA MET B 34 -28.15 22.42 -4.05
C MET B 34 -29.24 22.43 -2.98
N ALA B 35 -29.34 23.52 -2.22
CA ALA B 35 -30.38 23.66 -1.23
C ALA B 35 -31.77 23.74 -1.86
N ASN B 36 -31.85 24.13 -3.13
CA ASN B 36 -33.12 24.21 -3.83
C ASN B 36 -33.47 22.92 -4.57
N GLY B 37 -32.86 21.79 -4.21
CA GLY B 37 -33.27 20.52 -4.76
C GLY B 37 -32.73 20.17 -6.13
N ALA B 38 -31.69 20.85 -6.60
CA ALA B 38 -31.11 20.53 -7.90
C ALA B 38 -30.54 19.12 -7.90
N ASP B 39 -30.65 18.45 -9.06
CA ASP B 39 -30.24 17.06 -9.21
C ASP B 39 -28.74 16.99 -9.49
N VAL B 40 -27.96 16.47 -8.53
CA VAL B 40 -26.51 16.40 -8.70
C VAL B 40 -26.14 15.52 -9.89
N ASN B 41 -27.00 14.57 -10.25
CA ASN B 41 -26.70 13.71 -11.39
C ASN B 41 -27.51 14.09 -12.62
N ALA B 42 -27.96 15.35 -12.70
CA ALA B 42 -28.49 15.89 -13.94
C ALA B 42 -27.50 15.70 -15.06
N HIS B 43 -28.01 15.52 -16.27
CA HIS B 43 -27.10 15.36 -17.39
C HIS B 43 -27.63 16.16 -18.58
N ASP B 44 -26.72 16.48 -19.47
CA ASP B 44 -27.11 17.15 -20.70
C ASP B 44 -27.00 16.19 -21.88
N GLN B 45 -27.12 16.73 -23.07
CA GLN B 45 -27.13 15.95 -24.30
C GLN B 45 -25.75 15.36 -24.60
N ASN B 46 -24.71 15.86 -23.97
CA ASN B 46 -23.41 15.21 -24.10
C ASN B 46 -23.26 14.06 -23.12
N GLY B 47 -24.21 13.87 -22.21
CA GLY B 47 -24.01 12.96 -21.12
C GLY B 47 -23.17 13.54 -20.00
N PHE B 48 -22.81 14.82 -20.10
CA PHE B 48 -22.08 15.47 -19.02
C PHE B 48 -22.98 15.61 -17.81
N THR B 49 -22.46 15.24 -16.67
CA THR B 49 -23.07 15.52 -15.38
C THR B 49 -22.35 16.71 -14.77
N PRO B 50 -22.90 17.32 -13.73
CA PRO B 50 -22.15 18.41 -13.08
C PRO B 50 -20.74 18.00 -12.64
N LEU B 51 -20.58 16.76 -12.17
CA LEU B 51 -19.26 16.27 -11.78
C LEU B 51 -18.30 16.22 -12.96
N HIS B 52 -18.76 15.74 -14.13
CA HIS B 52 -17.93 15.84 -15.33
C HIS B 52 -17.42 17.26 -15.49
N LEU B 53 -18.33 18.22 -15.44
CA LEU B 53 -17.96 19.59 -15.77
C LEU B 53 -17.04 20.20 -14.71
N ALA B 54 -17.32 19.97 -13.43
CA ALA B 54 -16.46 20.49 -12.37
C ALA B 54 -15.05 19.90 -12.44
N ALA B 55 -14.95 18.60 -12.68
CA ALA B 55 -13.65 17.95 -12.79
C ALA B 55 -12.91 18.39 -14.06
N TRP B 56 -13.63 18.52 -15.18
CA TRP B 56 -12.99 18.90 -16.43
C TRP B 56 -12.34 20.27 -16.35
N TYR B 57 -12.98 21.22 -15.66
CA TYR B 57 -12.47 22.57 -15.50
C TYR B 57 -11.66 22.76 -14.22
N GLY B 58 -11.40 21.69 -13.46
CA GLY B 58 -10.54 21.73 -12.29
C GLY B 58 -11.08 22.50 -11.11
N HIS B 59 -12.39 22.53 -10.92
CA HIS B 59 -12.99 23.25 -9.80
C HIS B 59 -13.02 22.34 -8.58
N LEU B 60 -11.89 22.34 -7.84
CA LEU B 60 -11.69 21.36 -6.78
C LEU B 60 -12.81 21.42 -5.74
N GLU B 61 -13.16 22.62 -5.26
CA GLU B 61 -14.23 22.74 -4.26
C GLU B 61 -15.52 22.12 -4.76
N ILE B 62 -15.96 22.50 -5.96
CA ILE B 62 -17.26 22.04 -6.46
C ILE B 62 -17.25 20.52 -6.61
N VAL B 63 -16.13 19.97 -7.09
CA VAL B 63 -15.99 18.52 -7.18
C VAL B 63 -16.23 17.89 -5.81
N GLY B 64 -15.67 18.49 -4.76
CA GLY B 64 -15.90 17.97 -3.42
C GLY B 64 -17.36 18.05 -3.01
N VAL B 65 -18.00 19.19 -3.27
CA VAL B 65 -19.39 19.37 -2.87
C VAL B 65 -20.28 18.35 -3.56
N LEU B 66 -20.07 18.15 -4.85
CA LEU B 66 -20.90 17.21 -5.58
C LEU B 66 -20.70 15.80 -5.07
N LEU B 67 -19.44 15.39 -4.88
CA LEU B 67 -19.17 14.04 -4.42
C LEU B 67 -19.85 13.74 -3.08
N LYS B 68 -19.82 14.71 -2.15
CA LYS B 68 -20.42 14.46 -0.84
C LYS B 68 -21.94 14.37 -0.93
N ASN B 69 -22.54 14.89 -2.01
CA ASN B 69 -23.99 14.89 -2.18
C ASN B 69 -24.45 13.86 -3.20
N GLY B 70 -23.69 12.78 -3.36
CA GLY B 70 -24.15 11.63 -4.10
C GLY B 70 -23.89 11.68 -5.58
N ALA B 71 -23.06 12.61 -6.05
CA ALA B 71 -22.71 12.61 -7.46
C ALA B 71 -22.07 11.29 -7.83
N ASP B 72 -22.50 10.74 -8.98
CA ASP B 72 -21.97 9.47 -9.47
C ASP B 72 -20.55 9.67 -10.02
N VAL B 73 -19.56 9.18 -9.29
CA VAL B 73 -18.17 9.34 -9.65
C VAL B 73 -17.80 8.59 -10.92
N ASN B 74 -18.58 7.60 -11.33
CA ASN B 74 -18.23 6.78 -12.48
C ASN B 74 -19.19 6.94 -13.67
N ALA B 75 -19.92 8.06 -13.74
CA ALA B 75 -20.81 8.30 -14.87
C ALA B 75 -20.04 8.40 -16.18
N PHE B 76 -20.56 7.75 -17.22
CA PHE B 76 -20.02 7.83 -18.58
C PHE B 76 -20.82 8.87 -19.36
N ASP B 77 -20.14 9.73 -20.11
CA ASP B 77 -20.87 10.62 -20.99
C ASP B 77 -21.14 9.87 -22.29
N LYS B 78 -21.65 10.58 -23.30
CA LYS B 78 -22.06 9.94 -24.55
C LYS B 78 -20.89 9.25 -25.27
N TYR B 79 -19.66 9.66 -25.00
CA TYR B 79 -18.51 9.04 -25.65
C TYR B 79 -17.71 8.14 -24.71
N GLY B 80 -18.22 7.88 -23.50
CA GLY B 80 -17.52 7.04 -22.58
C GLY B 80 -16.55 7.75 -21.66
N PHE B 81 -16.43 9.07 -21.73
CA PHE B 81 -15.56 9.77 -20.78
C PHE B 81 -16.22 9.84 -19.41
N THR B 82 -15.48 9.44 -18.39
CA THR B 82 -15.81 9.59 -16.97
C THR B 82 -15.15 10.84 -16.45
N PRO B 83 -15.58 11.37 -15.31
CA PRO B 83 -14.93 12.60 -14.82
C PRO B 83 -13.43 12.43 -14.63
N LEU B 84 -13.00 11.24 -14.22
CA LEU B 84 -11.57 11.01 -14.06
C LEU B 84 -10.85 11.13 -15.41
N HIS B 85 -11.46 10.63 -16.48
CA HIS B 85 -10.91 10.86 -17.82
C HIS B 85 -10.65 12.34 -18.07
N LEU B 86 -11.66 13.17 -17.82
CA LEU B 86 -11.57 14.59 -18.13
C LEU B 86 -10.55 15.27 -17.22
N ALA B 87 -10.57 14.94 -15.93
CA ALA B 87 -9.61 15.56 -15.03
C ALA B 87 -8.19 15.16 -15.39
N ALA B 88 -8.01 13.91 -15.80
CA ALA B 88 -6.68 13.46 -16.21
C ALA B 88 -6.23 14.17 -17.47
N GLU B 89 -7.11 14.25 -18.47
CA GLU B 89 -6.70 14.82 -19.75
C GLU B 89 -6.32 16.29 -19.62
N GLU B 90 -6.97 17.02 -18.72
CA GLU B 90 -6.70 18.44 -18.54
C GLU B 90 -5.66 18.74 -17.46
N GLY B 91 -5.09 17.72 -16.82
CA GLY B 91 -4.01 17.98 -15.89
C GLY B 91 -4.42 18.48 -14.52
N HIS B 92 -5.64 18.18 -14.05
CA HIS B 92 -6.10 18.65 -12.75
C HIS B 92 -5.74 17.60 -11.68
N LEU B 93 -4.56 17.73 -11.11
CA LEU B 93 -3.99 16.70 -10.24
C LEU B 93 -4.84 16.53 -8.99
N GLU B 94 -5.09 17.62 -8.27
CA GLU B 94 -5.83 17.49 -7.03
C GLU B 94 -7.23 16.95 -7.28
N VAL B 95 -7.86 17.35 -8.39
CA VAL B 95 -9.17 16.82 -8.72
C VAL B 95 -9.09 15.31 -8.96
N VAL B 96 -8.05 14.88 -9.69
CA VAL B 96 -7.85 13.45 -9.96
C VAL B 96 -7.72 12.68 -8.66
N GLU B 97 -7.01 13.24 -7.70
CA GLU B 97 -6.83 12.54 -6.44
C GLU B 97 -8.16 12.42 -5.70
N VAL B 98 -8.99 13.47 -5.74
CA VAL B 98 -10.24 13.41 -5.00
C VAL B 98 -11.22 12.47 -5.67
N LEU B 99 -11.26 12.45 -7.00
CA LEU B 99 -12.06 11.45 -7.70
C LEU B 99 -11.62 10.04 -7.33
N LEU B 100 -10.31 9.79 -7.31
CA LEU B 100 -9.82 8.47 -6.93
C LEU B 100 -10.19 8.15 -5.49
N LYS B 101 -10.17 9.16 -4.61
CA LYS B 101 -10.52 8.94 -3.21
C LYS B 101 -11.96 8.49 -3.07
N TYR B 102 -12.85 9.02 -3.91
CA TYR B 102 -14.26 8.66 -3.87
C TYR B 102 -14.60 7.48 -4.77
N GLY B 103 -13.61 6.72 -5.21
CA GLY B 103 -13.88 5.46 -5.88
C GLY B 103 -13.96 5.47 -7.38
N ALA B 104 -13.35 6.45 -8.05
CA ALA B 104 -13.30 6.43 -9.50
C ALA B 104 -12.62 5.16 -10.00
N ASP B 105 -13.13 4.60 -11.10
CA ASP B 105 -12.49 3.46 -11.74
C ASP B 105 -11.27 3.97 -12.51
N VAL B 106 -10.09 3.68 -11.97
CA VAL B 106 -8.84 4.13 -12.58
C VAL B 106 -8.67 3.60 -13.99
N ASN B 107 -9.32 2.48 -14.32
CA ASN B 107 -9.17 1.84 -15.62
C ASN B 107 -10.45 1.91 -16.46
N ALA B 108 -11.34 2.86 -16.16
CA ALA B 108 -12.50 3.10 -17.01
C ALA B 108 -12.06 3.24 -18.47
N LYS B 109 -12.82 2.63 -19.37
CA LYS B 109 -12.51 2.71 -20.80
C LYS B 109 -13.59 3.50 -21.52
N ASP B 110 -13.17 4.44 -22.37
CA ASP B 110 -14.13 5.19 -23.18
C ASP B 110 -14.39 4.42 -24.46
N GLU B 111 -15.15 5.04 -25.38
CA GLU B 111 -15.57 4.34 -26.59
C GLU B 111 -14.41 3.88 -27.44
N HIS B 112 -13.25 4.53 -27.30
CA HIS B 112 -12.05 4.19 -28.06
C HIS B 112 -11.20 3.17 -27.31
N GLY B 113 -11.63 2.78 -26.12
CA GLY B 113 -10.83 1.93 -25.28
C GLY B 113 -9.82 2.65 -24.43
N SER B 114 -9.80 3.98 -24.47
CA SER B 114 -8.80 4.76 -23.74
C SER B 114 -9.11 4.80 -22.27
N THR B 115 -8.10 4.52 -21.47
CA THR B 115 -8.16 4.75 -20.04
C THR B 115 -7.67 6.14 -19.73
N PRO B 116 -7.91 6.62 -18.51
CA PRO B 116 -7.33 7.90 -18.09
C PRO B 116 -5.82 7.95 -18.30
N LEU B 117 -5.13 6.84 -18.07
CA LEU B 117 -3.69 6.77 -18.32
C LEU B 117 -3.36 7.02 -19.78
N HIS B 118 -4.15 6.45 -20.69
CA HIS B 118 -3.98 6.76 -22.11
C HIS B 118 -4.11 8.25 -22.36
N LEU B 119 -5.15 8.89 -21.80
CA LEU B 119 -5.40 10.28 -22.17
C LEU B 119 -4.27 11.18 -21.65
N ALA B 120 -3.84 10.96 -20.40
CA ALA B 120 -2.78 11.73 -19.78
C ALA B 120 -1.46 11.50 -20.49
N ALA B 121 -1.21 10.27 -20.93
CA ALA B 121 0.04 10.00 -21.64
C ALA B 121 0.07 10.73 -22.97
N ASP B 122 -1.07 10.75 -23.68
CA ASP B 122 -1.09 11.35 -25.00
C ASP B 122 -0.85 12.85 -24.92
N ILE B 123 -1.51 13.54 -23.98
CA ILE B 123 -1.24 14.95 -23.76
C ILE B 123 0.19 15.18 -23.28
N GLY B 124 0.64 14.40 -22.30
CA GLY B 124 1.95 14.54 -21.73
C GLY B 124 2.00 14.96 -20.27
N HIS B 125 0.95 14.75 -19.49
CA HIS B 125 0.91 15.13 -18.08
C HIS B 125 1.63 14.04 -17.28
N LEU B 126 2.93 14.26 -17.02
CA LEU B 126 3.75 13.24 -16.37
C LEU B 126 3.29 12.98 -14.94
N GLU B 127 3.08 14.04 -14.16
CA GLU B 127 2.65 13.85 -12.78
C GLU B 127 1.32 13.10 -12.70
N ILE B 128 0.33 13.45 -13.53
CA ILE B 128 -0.94 12.71 -13.57
C ILE B 128 -0.68 11.25 -13.88
N VAL B 129 0.23 10.96 -14.82
CA VAL B 129 0.52 9.58 -15.15
C VAL B 129 1.05 8.85 -13.93
N GLU B 130 1.92 9.51 -13.16
CA GLU B 130 2.49 8.91 -11.95
C GLU B 130 1.40 8.59 -10.92
N VAL B 131 0.44 9.50 -10.72
CA VAL B 131 -0.62 9.26 -9.75
C VAL B 131 -1.50 8.09 -10.18
N LEU B 132 -1.91 8.07 -11.45
CA LEU B 132 -2.69 6.95 -11.96
C LEU B 132 -1.98 5.62 -11.73
N LEU B 133 -0.67 5.56 -12.02
CA LEU B 133 0.08 4.32 -11.87
C LEU B 133 0.10 3.84 -10.42
N LYS B 134 0.31 4.73 -9.46
CA LYS B 134 0.39 4.28 -8.08
C LYS B 134 -0.99 3.99 -7.50
N ASN B 135 -2.05 4.33 -8.22
CA ASN B 135 -3.42 4.01 -7.86
C ASN B 135 -3.97 2.88 -8.73
N GLY B 136 -3.09 2.08 -9.33
CA GLY B 136 -3.51 0.86 -9.98
C GLY B 136 -3.78 0.93 -11.46
N ALA B 137 -3.44 2.02 -12.14
CA ALA B 137 -3.61 2.06 -13.59
C ALA B 137 -2.89 0.89 -14.24
N ASP B 138 -3.52 0.32 -15.25
CA ASP B 138 -3.00 -0.83 -15.99
C ASP B 138 -2.10 -0.35 -17.11
N VAL B 139 -0.78 -0.47 -16.89
CA VAL B 139 0.20 -0.04 -17.88
C VAL B 139 0.07 -0.82 -19.18
N ASN B 140 -0.48 -2.03 -19.12
CA ASN B 140 -0.56 -2.87 -20.31
C ASN B 140 -1.87 -2.75 -21.08
N ALA B 141 -2.81 -1.91 -20.64
CA ALA B 141 -4.11 -1.85 -21.30
C ALA B 141 -3.97 -1.24 -22.70
N GLN B 142 -4.58 -1.90 -23.69
CA GLN B 142 -4.59 -1.42 -25.06
C GLN B 142 -5.93 -0.76 -25.37
N ASP B 143 -5.88 0.35 -26.10
CA ASP B 143 -7.10 0.94 -26.62
C ASP B 143 -7.51 0.15 -27.85
N LYS B 144 -8.51 0.61 -28.58
CA LYS B 144 -9.00 -0.17 -29.69
C LYS B 144 -8.09 -0.10 -30.92
N PHE B 145 -7.05 0.72 -30.89
CA PHE B 145 -6.00 0.64 -31.89
C PHE B 145 -4.85 -0.26 -31.44
N GLY B 146 -5.00 -0.92 -30.30
CA GLY B 146 -3.96 -1.78 -29.77
C GLY B 146 -2.83 -1.04 -29.11
N LYS B 147 -3.02 0.22 -28.74
CA LYS B 147 -1.97 1.06 -28.19
C LYS B 147 -2.00 1.04 -26.66
N THR B 148 -0.85 0.86 -26.07
CA THR B 148 -0.65 1.09 -24.65
C THR B 148 -0.11 2.50 -24.41
N ALA B 149 -0.07 2.88 -23.14
CA ALA B 149 0.51 4.17 -22.79
C ALA B 149 1.96 4.24 -23.22
N PHE B 150 2.69 3.12 -23.11
CA PHE B 150 4.06 3.10 -23.60
C PHE B 150 4.11 3.37 -25.09
N ASP B 151 3.26 2.69 -25.86
CA ASP B 151 3.16 2.96 -27.30
C ASP B 151 2.96 4.44 -27.57
N ILE B 152 2.10 5.09 -26.79
CA ILE B 152 1.82 6.50 -26.97
C ILE B 152 3.08 7.33 -26.72
N SER B 153 3.84 6.98 -25.68
CA SER B 153 5.07 7.71 -25.38
C SER B 153 6.09 7.58 -26.51
N ILE B 154 6.15 6.42 -27.16
CA ILE B 154 7.02 6.26 -28.31
C ILE B 154 6.50 7.06 -29.49
N ASP B 155 5.19 6.95 -29.76
CA ASP B 155 4.60 7.67 -30.87
C ASP B 155 4.79 9.17 -30.74
N ASN B 156 4.73 9.70 -29.52
CA ASN B 156 4.84 11.13 -29.33
C ASN B 156 6.29 11.59 -29.17
N GLY B 157 7.26 10.68 -29.19
CA GLY B 157 8.64 11.04 -28.91
C GLY B 157 8.85 11.60 -27.52
N ASN B 158 8.13 11.07 -26.53
CA ASN B 158 8.15 11.61 -25.18
C ASN B 158 9.06 10.75 -24.29
N GLU B 159 10.35 11.10 -24.27
CA GLU B 159 11.32 10.27 -23.55
C GLU B 159 11.10 10.33 -22.04
N ASP B 160 10.71 11.48 -21.50
CA ASP B 160 10.47 11.57 -20.06
C ASP B 160 9.29 10.69 -19.64
N LEU B 161 8.24 10.62 -20.46
CA LEU B 161 7.11 9.76 -20.16
C LEU B 161 7.51 8.29 -20.27
N ALA B 162 8.21 7.95 -21.34
CA ALA B 162 8.70 6.59 -21.50
C ALA B 162 9.49 6.15 -20.27
N GLU B 163 10.31 7.04 -19.71
CA GLU B 163 11.15 6.66 -18.57
C GLU B 163 10.33 6.41 -17.30
N ILE B 164 9.17 7.07 -17.17
CA ILE B 164 8.29 6.79 -16.05
C ILE B 164 7.60 5.45 -16.23
N LEU B 165 7.17 5.16 -17.45
CA LEU B 165 6.39 3.96 -17.71
C LEU B 165 7.30 2.75 -17.85
N GLN B 166 8.49 2.94 -18.42
CA GLN B 166 9.37 1.82 -18.77
C GLN B 166 9.63 0.91 -17.58
N LYS B 167 9.76 1.48 -16.38
CA LYS B 167 10.09 0.66 -15.22
C LYS B 167 9.01 -0.39 -14.96
N LEU B 168 7.73 0.02 -14.98
CA LEU B 168 6.60 -0.86 -14.73
C LEU B 168 6.18 -1.69 -15.95
N ASN B 169 6.79 -1.47 -17.11
CA ASN B 169 6.43 -2.17 -18.36
C ASN B 169 6.70 -3.67 -18.33
N ALA C 1 34.42 -24.40 15.83
CA ALA C 1 33.67 -25.22 14.88
C ALA C 1 32.59 -26.06 15.59
N PRO C 2 31.55 -26.45 14.86
CA PRO C 2 30.47 -27.27 15.46
C PRO C 2 30.98 -28.57 16.08
N LEU C 3 30.28 -29.02 17.14
CA LEU C 3 30.66 -30.24 17.85
C LEU C 3 30.78 -31.42 16.90
N ALA C 4 29.76 -31.64 16.09
CA ALA C 4 29.92 -32.58 14.99
C ALA C 4 30.84 -31.88 13.99
N GLU C 5 31.97 -32.49 13.70
CA GLU C 5 32.94 -31.90 12.78
C GLU C 5 32.75 -32.64 11.46
N LYS C 6 32.12 -31.96 10.52
CA LYS C 6 31.84 -32.47 9.19
C LYS C 6 31.86 -31.28 8.26
N PRO C 7 31.97 -31.50 6.95
CA PRO C 7 32.00 -30.38 6.01
C PRO C 7 30.81 -29.46 6.24
N PHE C 8 31.06 -28.15 6.22
CA PHE C 8 29.97 -27.23 6.52
C PHE C 8 30.24 -25.88 5.89
N VAL C 9 29.22 -25.02 5.94
CA VAL C 9 29.30 -23.67 5.40
C VAL C 9 28.45 -22.78 6.29
N ALA C 10 29.00 -21.61 6.58
CA ALA C 10 28.37 -20.60 7.39
C ALA C 10 28.99 -19.26 7.03
N PHE C 11 28.31 -18.18 7.39
CA PHE C 11 28.85 -16.85 7.18
C PHE C 11 29.69 -16.41 8.36
N GLY C 12 30.74 -15.65 8.07
CA GLY C 12 31.43 -14.92 9.11
C GLY C 12 30.53 -13.92 9.80
N SER C 13 30.85 -13.64 11.07
CA SER C 13 30.02 -12.80 11.93
C SER C 13 29.89 -11.37 11.45
N GLY C 14 30.88 -10.83 10.76
CA GLY C 14 30.79 -9.39 10.44
C GLY C 14 30.02 -8.93 9.21
N MET C 15 29.19 -9.79 8.61
CA MET C 15 28.46 -9.41 7.38
C MET C 15 27.56 -8.20 7.55
N GLU C 16 27.74 -7.23 6.64
CA GLU C 16 26.91 -6.03 6.60
C GLU C 16 25.56 -6.37 5.97
N SER C 17 24.55 -5.60 6.32
CA SER C 17 23.28 -5.78 5.64
C SER C 17 22.86 -4.54 4.87
N LEU C 18 23.44 -3.40 5.18
CA LEU C 18 23.30 -2.18 4.38
C LEU C 18 24.68 -1.70 3.93
N VAL C 19 24.81 -1.35 2.66
CA VAL C 19 26.02 -0.75 2.15
C VAL C 19 25.66 0.52 1.42
N GLU C 20 26.41 1.59 1.69
CA GLU C 20 26.18 2.89 1.07
C GLU C 20 27.37 3.24 0.20
N ALA C 21 27.09 3.78 -0.97
CA ALA C 21 28.16 4.19 -1.85
C ALA C 21 27.75 5.46 -2.57
N THR C 22 28.71 6.10 -3.21
CA THR C 22 28.46 7.29 -4.00
C THR C 22 28.79 7.01 -5.46
N VAL C 23 28.00 7.61 -6.35
CA VAL C 23 28.19 7.42 -7.77
C VAL C 23 29.65 7.64 -8.15
N GLY C 24 30.22 6.65 -8.84
CA GLY C 24 31.58 6.71 -9.33
C GLY C 24 32.59 5.87 -8.56
N GLU C 25 32.33 5.58 -7.28
CA GLU C 25 33.35 4.84 -6.55
C GLU C 25 33.19 3.33 -6.76
N ARG C 26 34.26 2.61 -6.46
CA ARG C 26 34.23 1.17 -6.47
C ARG C 26 33.50 0.68 -5.22
N VAL C 27 32.68 -0.34 -5.39
CA VAL C 27 31.94 -0.95 -4.28
C VAL C 27 32.46 -2.36 -4.10
N ARG C 28 32.71 -2.74 -2.86
CA ARG C 28 33.16 -4.09 -2.54
C ARG C 28 32.25 -4.66 -1.46
N ILE C 29 31.62 -5.79 -1.73
CA ILE C 29 30.76 -6.45 -0.77
C ILE C 29 31.26 -7.88 -0.56
N PRO C 30 31.97 -8.14 0.54
CA PRO C 30 32.56 -9.46 0.76
C PRO C 30 31.55 -10.46 1.30
N ALA C 31 31.61 -11.68 0.77
CA ALA C 31 30.88 -12.81 1.32
C ALA C 31 31.86 -13.56 2.21
N LYS C 32 31.88 -13.19 3.49
CA LYS C 32 32.80 -13.81 4.43
C LYS C 32 32.26 -15.18 4.84
N TYR C 33 33.08 -16.23 4.70
CA TYR C 33 32.60 -17.58 5.00
C TYR C 33 33.42 -18.28 6.08
N LEU C 34 32.77 -19.24 6.73
CA LEU C 34 33.41 -20.22 7.60
C LEU C 34 33.13 -21.61 7.04
N GLY C 35 34.08 -22.53 7.19
CA GLY C 35 33.76 -23.89 6.82
C GLY C 35 34.76 -24.48 5.85
N TYR C 36 34.47 -25.72 5.43
CA TYR C 36 35.39 -26.46 4.60
C TYR C 36 34.58 -27.47 3.79
N PRO C 37 34.98 -27.74 2.55
CA PRO C 37 35.98 -27.01 1.77
C PRO C 37 35.41 -25.62 1.42
N PRO C 38 36.21 -24.74 0.83
CA PRO C 38 35.70 -23.40 0.51
C PRO C 38 34.41 -23.48 -0.29
N PRO C 39 33.39 -22.70 0.07
CA PRO C 39 32.07 -22.82 -0.57
C PRO C 39 32.07 -22.24 -1.98
N GLU C 40 31.10 -22.72 -2.76
CA GLU C 40 30.72 -22.11 -4.03
C GLU C 40 29.84 -20.90 -3.79
N ILE C 41 30.05 -19.87 -4.59
CA ILE C 41 29.40 -18.56 -4.39
C ILE C 41 28.54 -18.21 -5.59
N LYS C 42 27.38 -17.64 -5.31
CA LYS C 42 26.54 -17.12 -6.38
C LYS C 42 25.84 -15.88 -5.88
N TRP C 43 25.84 -14.84 -6.71
CA TRP C 43 25.20 -13.58 -6.35
C TRP C 43 23.98 -13.36 -7.21
N TYR C 44 22.99 -12.69 -6.63
CA TYR C 44 21.76 -12.35 -7.30
C TYR C 44 21.48 -10.91 -6.99
N LYS C 45 20.98 -10.18 -7.98
CA LYS C 45 20.49 -8.84 -7.75
C LYS C 45 18.99 -8.86 -7.94
N ASN C 46 18.26 -8.51 -6.87
CA ASN C 46 16.79 -8.57 -6.88
C ASN C 46 16.33 -9.91 -7.47
N GLY C 47 17.01 -10.99 -7.08
CA GLY C 47 16.68 -12.32 -7.57
C GLY C 47 17.22 -12.72 -8.94
N ILE C 48 17.87 -11.85 -9.69
CA ILE C 48 18.45 -12.24 -10.98
C ILE C 48 19.92 -12.59 -10.78
N PRO C 49 20.39 -13.72 -11.30
CA PRO C 49 21.80 -14.09 -11.09
C PRO C 49 22.73 -13.16 -11.83
N LEU C 50 23.82 -12.76 -11.14
CA LEU C 50 24.88 -11.94 -11.71
C LEU C 50 25.95 -12.79 -12.35
N GLU C 51 26.38 -12.40 -13.54
CA GLU C 51 27.56 -12.94 -14.21
C GLU C 51 28.64 -11.87 -14.21
N SER C 52 29.89 -12.28 -14.13
CA SER C 52 31.00 -11.34 -14.14
C SER C 52 31.29 -10.85 -15.56
N ASN C 53 31.50 -9.54 -15.68
CA ASN C 53 32.01 -8.91 -16.90
C ASN C 53 32.90 -7.73 -16.48
N HIS C 54 33.34 -6.94 -17.45
CA HIS C 54 34.32 -5.90 -17.16
C HIS C 54 33.77 -4.85 -16.20
N THR C 55 32.46 -4.78 -16.04
CA THR C 55 31.81 -3.80 -15.17
C THR C 55 31.66 -4.29 -13.73
N ILE C 56 31.59 -5.59 -13.51
CA ILE C 56 31.26 -6.11 -12.19
C ILE C 56 31.80 -7.52 -12.09
N LYS C 57 32.38 -7.86 -10.93
CA LYS C 57 32.90 -9.20 -10.70
C LYS C 57 32.17 -9.80 -9.51
N ALA C 58 31.59 -10.96 -9.72
CA ALA C 58 30.71 -11.59 -8.75
C ALA C 58 31.41 -12.81 -8.19
N GLY C 59 32.48 -12.58 -7.44
CA GLY C 59 33.18 -13.66 -6.77
C GLY C 59 32.98 -13.65 -5.26
N HIS C 60 34.02 -14.04 -4.52
CA HIS C 60 33.95 -14.01 -3.07
C HIS C 60 33.66 -12.62 -2.57
N VAL C 61 34.12 -11.62 -3.32
CA VAL C 61 33.77 -10.23 -3.08
C VAL C 61 33.02 -9.77 -4.31
N LEU C 62 31.82 -9.25 -4.11
CA LEU C 62 31.10 -8.61 -5.19
C LEU C 62 31.71 -7.23 -5.41
N THR C 63 32.26 -7.00 -6.59
CA THR C 63 32.92 -5.75 -6.89
C THR C 63 32.25 -5.07 -8.07
N ILE C 64 31.79 -3.85 -7.86
CA ILE C 64 31.25 -2.99 -8.90
C ILE C 64 32.31 -1.90 -9.12
N MET C 65 32.95 -1.93 -10.29
CA MET C 65 34.13 -1.08 -10.54
C MET C 65 33.80 0.39 -10.43
N GLU C 66 32.65 0.82 -10.97
CA GLU C 66 32.22 2.22 -10.89
C GLU C 66 30.73 2.22 -10.65
N VAL C 67 30.33 2.36 -9.39
CA VAL C 67 28.93 2.17 -9.07
C VAL C 67 28.10 3.28 -9.70
N SER C 68 26.93 2.92 -10.19
CA SER C 68 25.98 3.88 -10.72
C SER C 68 24.70 3.80 -9.92
N GLU C 69 23.87 4.81 -10.12
CA GLU C 69 22.58 4.89 -9.44
C GLU C 69 21.71 3.67 -9.72
N ARG C 70 21.82 3.10 -10.91
CA ARG C 70 21.01 1.94 -11.23
C ARG C 70 21.51 0.70 -10.54
N ASP C 71 22.66 0.76 -9.85
CA ASP C 71 23.16 -0.38 -9.10
C ASP C 71 22.48 -0.54 -7.73
N THR C 72 21.76 0.47 -7.26
CA THR C 72 20.95 0.31 -6.05
C THR C 72 20.07 -0.94 -6.15
N GLY C 73 20.00 -1.69 -5.08
CA GLY C 73 19.13 -2.85 -5.03
C GLY C 73 19.60 -3.85 -3.99
N ASN C 74 18.79 -4.90 -3.83
CA ASN C 74 19.07 -5.95 -2.85
C ASN C 74 19.87 -7.07 -3.49
N TYR C 75 21.05 -7.30 -2.96
CA TYR C 75 21.95 -8.33 -3.46
C TYR C 75 21.90 -9.51 -2.50
N THR C 76 21.61 -10.69 -3.04
CA THR C 76 21.59 -11.93 -2.29
C THR C 76 22.79 -12.76 -2.69
N VAL C 77 23.52 -13.26 -1.72
CA VAL C 77 24.61 -14.18 -1.98
C VAL C 77 24.25 -15.54 -1.41
N ILE C 78 24.48 -16.60 -2.18
CA ILE C 78 24.23 -17.95 -1.71
C ILE C 78 25.54 -18.71 -1.73
N LEU C 79 25.94 -19.21 -0.55
CA LEU C 79 27.10 -20.08 -0.39
C LEU C 79 26.63 -21.53 -0.40
N THR C 80 27.33 -22.38 -1.14
CA THR C 80 27.03 -23.80 -1.20
C THR C 80 28.27 -24.59 -0.81
N ASN C 81 28.14 -25.47 0.18
CA ASN C 81 29.25 -26.37 0.50
C ASN C 81 29.41 -27.37 -0.64
N PRO C 82 30.61 -27.51 -1.22
CA PRO C 82 30.73 -28.39 -2.42
C PRO C 82 30.64 -29.86 -2.10
N ILE C 83 30.79 -30.28 -0.85
CA ILE C 83 30.68 -31.70 -0.56
C ILE C 83 29.25 -32.01 -0.18
N SER C 84 28.73 -31.34 0.86
CA SER C 84 27.40 -31.63 1.39
C SER C 84 26.26 -30.95 0.64
N LYS C 85 26.54 -29.90 -0.14
CA LYS C 85 25.52 -29.09 -0.81
C LYS C 85 24.64 -28.32 0.17
N GLU C 86 25.00 -28.24 1.46
CA GLU C 86 24.26 -27.38 2.37
C GLU C 86 24.45 -25.93 1.93
N LYS C 87 23.46 -25.09 2.19
CA LYS C 87 23.48 -23.73 1.67
C LYS C 87 23.16 -22.74 2.76
N GLN C 88 23.71 -21.54 2.59
CA GLN C 88 23.43 -20.38 3.41
C GLN C 88 23.29 -19.19 2.48
N SER C 89 22.50 -18.20 2.88
CA SER C 89 22.28 -17.03 2.05
C SER C 89 22.27 -15.80 2.95
N HIS C 90 22.51 -14.66 2.31
CA HIS C 90 22.54 -13.39 3.01
C HIS C 90 22.20 -12.29 2.02
N VAL C 91 21.44 -11.31 2.48
CA VAL C 91 20.95 -10.23 1.64
C VAL C 91 21.65 -8.94 2.09
N VAL C 92 22.23 -8.22 1.12
CA VAL C 92 22.86 -6.91 1.35
C VAL C 92 22.08 -5.88 0.55
N SER C 93 21.63 -4.83 1.21
CA SER C 93 20.99 -3.72 0.52
C SER C 93 22.07 -2.71 0.13
N LEU C 94 22.19 -2.39 -1.16
CA LEU C 94 23.14 -1.40 -1.64
C LEU C 94 22.39 -0.14 -2.05
N VAL C 95 22.73 0.97 -1.41
CA VAL C 95 22.12 2.27 -1.70
C VAL C 95 23.19 3.15 -2.32
N VAL C 96 22.91 3.73 -3.48
CA VAL C 96 23.86 4.55 -4.19
C VAL C 96 23.38 6.00 -4.13
N TYR C 97 24.20 6.86 -3.53
CA TYR C 97 23.92 8.27 -3.35
C TYR C 97 24.49 9.08 -4.53
N VAL C 98 23.85 10.21 -4.80
CA VAL C 98 24.22 11.07 -5.91
C VAL C 98 24.40 12.47 -5.36
N PRO C 99 25.59 13.06 -5.44
CA PRO C 99 25.74 14.47 -5.06
C PRO C 99 24.96 15.34 -6.03
N PRO C 100 24.56 16.54 -5.63
CA PRO C 100 23.60 17.31 -6.44
C PRO C 100 24.08 17.57 -7.86
N GLN C 101 23.21 17.26 -8.83
CA GLN C 101 23.48 17.48 -10.24
CA GLN C 101 23.50 17.49 -10.24
C GLN C 101 22.60 18.62 -10.73
N ILE C 102 23.20 19.61 -11.38
CA ILE C 102 22.45 20.75 -11.94
C ILE C 102 22.42 20.65 -13.46
N GLY C 103 21.20 20.64 -14.01
CA GLY C 103 21.03 20.35 -15.44
C GLY C 103 21.58 21.41 -16.37
N GLU C 104 21.37 22.68 -16.04
CA GLU C 104 21.84 23.80 -16.86
C GLU C 104 23.36 23.87 -16.81
N LYS C 105 23.98 24.17 -17.94
CA LYS C 105 25.43 24.20 -17.92
C LYS C 105 25.95 25.47 -17.28
N SER C 106 27.06 25.33 -16.56
CA SER C 106 27.70 26.41 -15.82
C SER C 106 28.68 27.19 -16.71
N LEU C 107 28.59 27.01 -18.02
CA LEU C 107 29.58 27.50 -18.98
C LEU C 107 29.34 28.98 -19.27
N ILE C 108 30.30 29.80 -18.84
CA ILE C 108 30.30 31.23 -19.09
C ILE C 108 31.13 31.58 -20.32
N SER C 109 31.58 30.58 -21.09
CA SER C 109 32.48 30.84 -22.23
C SER C 109 31.93 31.90 -23.15
N PRO C 110 30.67 31.83 -23.64
CA PRO C 110 30.02 33.05 -24.12
C PRO C 110 29.29 33.69 -22.95
N VAL C 111 29.41 34.99 -22.77
CA VAL C 111 28.85 35.64 -21.59
C VAL C 111 27.47 36.17 -21.99
N ASP C 112 26.48 35.90 -21.16
CA ASP C 112 25.11 36.30 -21.41
C ASP C 112 24.93 37.79 -21.14
N SER C 113 24.47 38.56 -22.13
CA SER C 113 24.22 39.98 -21.94
C SER C 113 22.73 40.25 -22.03
N TYR C 114 22.25 41.14 -21.17
CA TYR C 114 20.84 41.48 -21.08
C TYR C 114 20.67 42.96 -21.25
N GLN C 115 19.59 43.36 -21.91
CA GLN C 115 19.28 44.77 -22.08
C GLN C 115 18.89 45.40 -20.75
N TYR C 116 19.39 46.60 -20.52
CA TYR C 116 19.08 47.35 -19.31
C TYR C 116 17.58 47.36 -19.10
N GLY C 117 17.16 47.10 -17.87
CA GLY C 117 15.77 47.20 -17.51
C GLY C 117 14.97 45.92 -17.66
N THR C 118 15.52 44.87 -18.27
CA THR C 118 14.66 43.74 -18.49
C THR C 118 14.54 42.88 -17.23
N THR C 119 13.44 42.14 -17.18
CA THR C 119 13.15 41.15 -16.17
C THR C 119 13.53 39.77 -16.70
N GLN C 120 14.32 39.04 -15.93
CA GLN C 120 14.74 37.71 -16.35
CA GLN C 120 14.71 37.69 -16.36
C GLN C 120 14.68 36.73 -15.19
N THR C 121 14.54 35.45 -15.51
CA THR C 121 14.47 34.40 -14.52
C THR C 121 15.61 33.44 -14.78
N LEU C 122 16.41 33.21 -13.74
CA LEU C 122 17.47 32.22 -13.79
C LEU C 122 16.97 30.97 -13.08
N THR C 123 17.37 29.83 -13.59
CA THR C 123 16.82 28.56 -13.14
C THR C 123 17.93 27.56 -12.87
N CYS C 124 17.72 26.70 -11.87
CA CYS C 124 18.59 25.57 -11.58
C CYS C 124 17.72 24.34 -11.37
N THR C 125 17.92 23.35 -12.23
CA THR C 125 17.19 22.10 -12.15
C THR C 125 18.12 21.11 -11.44
N VAL C 126 17.78 20.78 -10.20
CA VAL C 126 18.68 20.08 -9.29
C VAL C 126 18.14 18.70 -9.01
N TYR C 127 19.00 17.70 -9.20
CA TYR C 127 18.76 16.31 -8.82
C TYR C 127 19.87 15.82 -7.88
N ALA C 128 19.49 15.15 -6.80
CA ALA C 128 20.42 14.61 -5.82
C ALA C 128 19.77 13.44 -5.09
N ILE C 129 20.58 12.49 -4.63
CA ILE C 129 20.07 11.38 -3.81
C ILE C 129 20.95 11.27 -2.59
N PRO C 130 20.45 11.55 -1.39
CA PRO C 130 19.12 12.02 -1.04
C PRO C 130 18.87 13.42 -1.60
N PRO C 131 17.62 13.85 -1.64
CA PRO C 131 17.30 15.19 -2.14
C PRO C 131 18.11 16.25 -1.42
N PRO C 132 18.39 17.38 -2.06
CA PRO C 132 19.19 18.42 -1.41
C PRO C 132 18.48 18.91 -0.17
N HIS C 133 19.22 19.13 0.91
CA HIS C 133 18.53 19.66 2.06
C HIS C 133 18.44 21.19 2.03
N HIS C 134 19.25 21.86 1.21
CA HIS C 134 18.95 23.26 0.86
C HIS C 134 19.52 23.60 -0.51
N ILE C 135 18.90 24.61 -1.11
CA ILE C 135 19.35 25.21 -2.35
C ILE C 135 19.43 26.71 -2.12
N HIS C 136 20.62 27.28 -2.26
CA HIS C 136 20.87 28.69 -1.98
C HIS C 136 21.36 29.41 -3.24
N TRP C 137 20.96 30.67 -3.34
CA TRP C 137 21.44 31.53 -4.42
C TRP C 137 22.43 32.53 -3.86
N TYR C 138 23.43 32.84 -4.67
CA TYR C 138 24.45 33.83 -4.34
C TYR C 138 24.68 34.74 -5.53
N TRP C 139 25.36 35.87 -5.28
CA TRP C 139 25.63 36.82 -6.35
C TRP C 139 26.91 37.58 -6.04
N GLN C 140 27.41 38.30 -7.05
CA GLN C 140 28.57 39.19 -6.91
C GLN C 140 28.55 40.23 -8.03
N LEU C 141 29.12 41.40 -7.74
CA LEU C 141 29.27 42.40 -8.81
C LEU C 141 30.31 41.92 -9.81
N GLU C 142 30.02 42.19 -11.08
CA GLU C 142 30.88 41.70 -12.14
C GLU C 142 32.31 42.19 -12.00
N GLU C 143 32.53 43.39 -11.44
CA GLU C 143 33.90 43.90 -11.33
C GLU C 143 34.76 43.08 -10.40
N GLU C 144 34.15 42.44 -9.39
CA GLU C 144 34.90 41.67 -8.42
C GLU C 144 35.13 40.24 -8.86
N CYS C 145 34.85 39.91 -10.12
CA CYS C 145 35.05 38.56 -10.63
C CYS C 145 35.86 38.60 -11.91
N ALA C 146 36.31 37.44 -12.36
CA ALA C 146 36.93 37.27 -13.66
C ALA C 146 35.93 36.78 -14.71
N ASN C 147 36.21 37.12 -15.96
CA ASN C 147 35.61 36.43 -17.10
C ASN C 147 36.74 35.97 -18.02
N GLU C 148 36.60 34.77 -18.56
CA GLU C 148 37.67 34.22 -19.39
C GLU C 148 37.21 33.04 -20.23
N ASN C 157 35.24 26.10 -15.54
CA ASN C 157 35.05 26.81 -14.27
C ASN C 157 36.32 27.55 -13.87
N PRO C 158 36.35 28.88 -14.08
CA PRO C 158 37.51 29.66 -13.67
C PRO C 158 37.39 30.21 -12.25
N TYR C 159 36.59 29.54 -11.39
CA TYR C 159 36.25 30.01 -10.04
C TYR C 159 36.13 31.52 -10.11
N PRO C 160 35.12 32.03 -10.81
CA PRO C 160 35.18 33.42 -11.26
C PRO C 160 35.22 34.43 -10.13
N CYS C 161 34.65 34.12 -8.98
CA CYS C 161 34.55 35.10 -7.90
C CYS C 161 35.23 34.54 -6.67
N GLU C 162 36.04 35.38 -5.99
CA GLU C 162 36.70 34.90 -4.79
C GLU C 162 35.76 34.95 -3.58
N GLU C 163 34.85 35.91 -3.57
CA GLU C 163 33.83 36.07 -2.54
C GLU C 163 32.47 36.05 -3.21
N TRP C 164 31.50 35.44 -2.54
CA TRP C 164 30.13 35.49 -2.98
C TRP C 164 29.28 36.14 -1.92
N ARG C 165 28.23 36.82 -2.36
CA ARG C 165 27.26 37.45 -1.49
C ARG C 165 26.00 36.60 -1.47
N SER C 166 25.38 36.51 -0.32
CA SER C 166 24.06 35.95 -0.24
C SER C 166 23.05 36.86 -0.93
N VAL C 167 22.05 36.27 -1.58
CA VAL C 167 21.00 37.12 -2.14
C VAL C 167 20.17 37.80 -1.07
N GLU C 168 20.29 37.40 0.20
CA GLU C 168 19.73 38.23 1.27
C GLU C 168 20.47 39.55 1.37
N ASP C 169 21.77 39.52 1.07
CA ASP C 169 22.62 40.72 1.08
C ASP C 169 22.61 41.29 -0.34
N PHE C 170 21.49 41.87 -0.68
CA PHE C 170 21.22 42.29 -2.04
C PHE C 170 21.58 43.75 -2.30
N GLN C 171 22.00 44.48 -1.27
CA GLN C 171 22.21 45.92 -1.39
C GLN C 171 23.27 46.17 -2.44
N GLY C 172 22.97 47.03 -3.41
CA GLY C 172 23.92 47.35 -4.45
C GLY C 172 23.81 46.50 -5.68
N GLY C 173 22.89 45.54 -5.72
CA GLY C 173 22.77 44.68 -6.87
C GLY C 173 21.47 44.95 -7.60
N ASN C 174 20.95 43.94 -8.28
CA ASN C 174 19.67 44.03 -8.94
C ASN C 174 18.60 43.64 -7.94
N LYS C 175 17.39 44.15 -8.16
CA LYS C 175 16.23 43.67 -7.45
C LYS C 175 16.00 42.19 -7.79
N ILE C 176 15.98 41.33 -6.78
CA ILE C 176 15.89 39.90 -7.02
C ILE C 176 14.90 39.29 -6.05
N GLU C 177 14.26 38.20 -6.49
CA GLU C 177 13.43 37.38 -5.61
C GLU C 177 13.71 35.91 -5.86
N VAL C 178 13.77 35.12 -4.79
CA VAL C 178 13.82 33.68 -4.94
C VAL C 178 12.40 33.15 -4.87
N ASN C 179 11.96 32.48 -5.92
CA ASN C 179 10.65 31.84 -5.95
C ASN C 179 10.66 30.55 -5.15
N LYS C 180 9.47 30.08 -4.78
CA LYS C 180 9.38 28.77 -4.13
C LYS C 180 9.85 27.71 -5.13
N ASN C 181 10.38 26.62 -4.59
CA ASN C 181 10.80 25.50 -5.43
C ASN C 181 9.60 24.87 -6.16
N GLN C 182 9.84 24.47 -7.40
CA GLN C 182 8.93 23.66 -8.18
C GLN C 182 9.57 22.31 -8.45
N PHE C 183 8.79 21.38 -8.97
CA PHE C 183 9.30 20.03 -9.15
C PHE C 183 8.89 19.49 -10.50
N ALA C 184 9.81 18.77 -11.15
CA ALA C 184 9.54 18.25 -12.49
C ALA C 184 10.00 16.81 -12.57
N LEU C 185 9.22 15.98 -13.26
CA LEU C 185 9.60 14.58 -13.46
C LEU C 185 10.42 14.47 -14.74
N ILE C 186 11.72 14.33 -14.57
CA ILE C 186 12.69 14.37 -15.66
C ILE C 186 13.52 13.10 -15.59
N GLU C 187 13.67 12.43 -16.72
CA GLU C 187 14.41 11.18 -16.80
C GLU C 187 13.89 10.18 -15.76
N GLY C 188 12.60 10.28 -15.43
CA GLY C 188 12.01 9.46 -14.39
C GLY C 188 12.31 9.85 -12.96
N LYS C 189 12.84 11.03 -12.71
CA LYS C 189 13.24 11.40 -11.35
C LYS C 189 12.62 12.75 -10.97
N ASN C 190 12.31 12.88 -9.69
CA ASN C 190 11.74 14.09 -9.13
C ASN C 190 12.86 15.11 -8.96
N LYS C 191 12.94 16.10 -9.84
CA LYS C 191 13.99 17.11 -9.80
C LYS C 191 13.44 18.41 -9.24
N THR C 192 14.27 19.09 -8.47
CA THR C 192 13.87 20.38 -7.91
C THR C 192 14.29 21.50 -8.86
N VAL C 193 13.36 22.40 -9.12
CA VAL C 193 13.53 23.49 -10.07
C VAL C 193 13.52 24.75 -9.22
N SER C 194 14.68 25.37 -9.09
CA SER C 194 14.87 26.55 -8.26
C SER C 194 15.05 27.75 -9.18
N THR C 195 14.25 28.81 -8.96
CA THR C 195 14.29 29.98 -9.82
C THR C 195 14.55 31.26 -9.03
N LEU C 196 15.38 32.10 -9.64
CA LEU C 196 15.67 33.45 -9.20
C LEU C 196 15.20 34.46 -10.26
N VAL C 197 14.44 35.45 -9.84
CA VAL C 197 13.90 36.44 -10.75
C VAL C 197 14.66 37.75 -10.57
N ILE C 198 15.29 38.22 -11.63
CA ILE C 198 15.88 39.55 -11.64
C ILE C 198 14.86 40.56 -12.20
N GLN C 199 14.44 41.51 -11.36
CA GLN C 199 13.28 42.35 -11.68
C GLN C 199 13.57 43.36 -12.78
N ALA C 200 14.62 44.18 -12.62
CA ALA C 200 14.99 45.10 -13.69
C ALA C 200 16.50 45.15 -13.76
N ALA C 201 17.06 44.59 -14.83
CA ALA C 201 18.50 44.45 -14.98
C ALA C 201 19.16 45.81 -15.10
N ASN C 202 19.79 46.29 -14.01
CA ASN C 202 20.51 47.54 -14.03
C ASN C 202 21.96 47.43 -13.56
N VAL C 203 22.41 46.26 -13.07
CA VAL C 203 23.74 46.08 -12.51
C VAL C 203 24.34 44.79 -13.05
N SER C 204 25.54 44.84 -13.62
CA SER C 204 26.15 43.62 -14.09
C SER C 204 26.57 42.71 -12.93
N ALA C 205 26.32 41.42 -13.08
CA ALA C 205 26.56 40.54 -11.94
C ALA C 205 26.81 39.14 -12.44
N LEU C 206 27.33 38.32 -11.52
CA LEU C 206 27.31 36.86 -11.63
C LEU C 206 26.36 36.31 -10.56
N TYR C 207 25.64 35.24 -10.90
CA TYR C 207 24.75 34.59 -9.95
C TYR C 207 25.21 33.15 -9.82
N LYS C 208 25.03 32.58 -8.64
CA LYS C 208 25.35 31.18 -8.39
C LYS C 208 24.22 30.53 -7.60
N CYS C 209 23.74 29.37 -8.07
CA CYS C 209 22.90 28.52 -7.23
C CYS C 209 23.74 27.37 -6.69
N GLU C 210 23.54 27.05 -5.43
CA GLU C 210 24.30 25.99 -4.79
C GLU C 210 23.37 24.98 -4.12
N ALA C 211 23.60 23.70 -4.38
CA ALA C 211 22.79 22.65 -3.77
C ALA C 211 23.68 21.76 -2.94
N VAL C 212 23.23 21.41 -1.75
CA VAL C 212 23.99 20.59 -0.84
C VAL C 212 23.13 19.40 -0.41
N ASN C 213 23.74 18.22 -0.36
CA ASN C 213 23.07 17.04 0.19
C ASN C 213 24.08 16.26 0.99
N LYS C 214 23.67 15.07 1.42
CA LYS C 214 24.44 14.30 2.38
C LYS C 214 25.84 13.99 1.88
N VAL C 215 26.03 13.84 0.58
CA VAL C 215 27.29 13.34 0.05
C VAL C 215 28.03 14.37 -0.81
N GLY C 216 27.49 15.59 -0.97
CA GLY C 216 28.21 16.57 -1.75
C GLY C 216 27.42 17.83 -2.03
N ARG C 217 28.03 18.66 -2.85
CA ARG C 217 27.45 19.92 -3.28
C ARG C 217 27.61 20.07 -4.78
N GLY C 218 26.74 20.87 -5.36
CA GLY C 218 26.88 21.22 -6.76
C GLY C 218 26.45 22.65 -6.91
N GLU C 219 26.98 23.29 -7.94
CA GLU C 219 26.74 24.71 -8.11
C GLU C 219 26.72 25.04 -9.58
N ARG C 220 26.14 26.17 -9.89
CA ARG C 220 26.15 26.63 -11.26
C ARG C 220 26.31 28.13 -11.17
N VAL C 221 27.24 28.65 -11.95
CA VAL C 221 27.50 30.09 -12.01
C VAL C 221 26.85 30.61 -13.27
N ILE C 222 26.17 31.72 -13.13
CA ILE C 222 25.45 32.34 -14.23
C ILE C 222 25.92 33.78 -14.40
N SER C 223 26.29 34.14 -15.60
CA SER C 223 26.70 35.51 -15.86
C SER C 223 25.48 36.34 -16.18
N PHE C 224 25.44 37.54 -15.64
CA PHE C 224 24.33 38.44 -15.87
C PHE C 224 24.95 39.82 -16.19
N HIS C 225 25.39 39.96 -17.42
CA HIS C 225 25.99 41.19 -17.90
C HIS C 225 24.93 42.08 -18.54
N VAL C 226 24.96 43.37 -18.20
CA VAL C 226 23.93 44.34 -18.60
C VAL C 226 24.53 45.41 -19.49
N THR C 227 23.81 45.74 -20.56
CA THR C 227 24.19 46.71 -21.58
C THR C 227 22.91 47.39 -22.04
N ARG C 228 23.00 48.64 -22.48
CA ARG C 228 21.83 49.37 -22.95
C ARG C 228 21.93 49.58 -24.46
N HIS C 229 21.33 48.67 -25.23
CA HIS C 229 21.20 48.90 -26.66
C HIS C 229 20.19 50.02 -26.91
N HIS C 230 20.53 50.93 -27.82
CA HIS C 230 19.72 52.11 -28.07
C HIS C 230 19.27 52.20 -29.52
N HIS C 231 18.21 52.98 -29.75
CA HIS C 231 17.52 53.10 -31.05
C HIS C 231 17.05 51.77 -31.60
N ALA D 1 10.08 -33.26 -10.38
CA ALA D 1 9.99 -33.21 -8.92
C ALA D 1 11.35 -32.82 -8.33
N PRO D 2 11.34 -32.22 -7.14
CA PRO D 2 12.61 -31.81 -6.51
C PRO D 2 13.51 -33.00 -6.25
N LEU D 3 14.81 -32.79 -6.40
CA LEU D 3 15.77 -33.83 -6.04
C LEU D 3 15.58 -34.16 -4.56
N ALA D 4 15.49 -35.44 -4.26
CA ALA D 4 15.43 -35.91 -2.89
C ALA D 4 16.79 -35.80 -2.21
N GLU D 5 16.83 -35.05 -1.11
CA GLU D 5 18.00 -34.88 -0.27
C GLU D 5 17.82 -35.67 1.02
N LYS D 6 18.82 -35.62 1.90
CA LYS D 6 18.70 -36.29 3.19
C LYS D 6 17.50 -35.73 3.93
N PRO D 7 16.74 -36.57 4.65
CA PRO D 7 15.56 -36.08 5.38
C PRO D 7 15.92 -35.05 6.44
N PHE D 8 15.10 -33.99 6.52
CA PHE D 8 15.25 -33.00 7.57
C PHE D 8 13.93 -32.26 7.69
N VAL D 9 13.82 -31.52 8.78
CA VAL D 9 12.63 -30.75 9.09
C VAL D 9 13.04 -29.58 9.98
N ALA D 10 12.54 -28.40 9.66
CA ALA D 10 12.81 -27.23 10.46
C ALA D 10 11.75 -26.20 10.08
N PHE D 11 11.64 -25.16 10.90
CA PHE D 11 10.79 -24.03 10.52
C PHE D 11 11.59 -23.09 9.67
N GLY D 12 10.91 -22.47 8.70
CA GLY D 12 11.53 -21.36 8.00
C GLY D 12 11.83 -20.21 8.93
N SER D 13 12.90 -19.47 8.59
CA SER D 13 13.32 -18.33 9.40
C SER D 13 12.23 -17.30 9.54
N GLY D 14 11.32 -17.25 8.58
CA GLY D 14 10.26 -16.27 8.64
C GLY D 14 9.04 -16.71 9.42
N MET D 15 9.13 -17.85 10.14
CA MET D 15 8.01 -18.30 10.94
C MET D 15 7.65 -17.23 11.96
N GLU D 16 6.36 -16.89 12.04
CA GLU D 16 5.89 -15.86 12.96
C GLU D 16 5.83 -16.38 14.39
N SER D 17 5.98 -15.46 15.35
CA SER D 17 5.79 -15.81 16.75
C SER D 17 4.72 -15.00 17.45
N LEU D 18 4.38 -13.83 16.93
CA LEU D 18 3.24 -13.05 17.40
C LEU D 18 2.32 -12.75 16.22
N VAL D 19 1.02 -12.90 16.44
CA VAL D 19 0.03 -12.54 15.44
C VAL D 19 -1.06 -11.68 16.10
N GLU D 20 -1.42 -10.60 15.43
CA GLU D 20 -2.45 -9.69 15.92
C GLU D 20 -3.65 -9.74 14.98
N ALA D 21 -4.84 -9.74 15.56
CA ALA D 21 -6.04 -9.67 14.76
C ALA D 21 -7.11 -8.90 15.53
N THR D 22 -8.17 -8.52 14.81
CA THR D 22 -9.30 -7.84 15.42
C THR D 22 -10.52 -8.76 15.35
N VAL D 23 -11.35 -8.70 16.39
CA VAL D 23 -12.54 -9.53 16.48
C VAL D 23 -13.31 -9.45 15.18
N GLY D 24 -13.58 -10.59 14.58
CA GLY D 24 -14.35 -10.66 13.36
C GLY D 24 -13.54 -10.94 12.12
N GLU D 25 -12.23 -10.71 12.13
CA GLU D 25 -11.44 -10.94 10.94
C GLU D 25 -11.08 -12.42 10.80
N ARG D 26 -10.72 -12.80 9.58
CA ARG D 26 -10.08 -14.08 9.30
C ARG D 26 -8.62 -14.00 9.74
N VAL D 27 -8.15 -15.02 10.45
CA VAL D 27 -6.78 -15.08 10.93
C VAL D 27 -6.08 -16.22 10.20
N ARG D 28 -4.85 -15.96 9.73
CA ARG D 28 -4.06 -16.96 9.04
C ARG D 28 -2.71 -17.05 9.73
N ILE D 29 -2.38 -18.24 10.25
CA ILE D 29 -1.06 -18.49 10.84
C ILE D 29 -0.41 -19.64 10.09
N PRO D 30 0.46 -19.33 9.14
CA PRO D 30 1.11 -20.38 8.35
C PRO D 30 2.25 -21.01 9.13
N ALA D 31 2.39 -22.32 8.99
CA ALA D 31 3.54 -23.06 9.50
C ALA D 31 4.57 -23.17 8.38
N LYS D 32 5.48 -22.20 8.31
CA LYS D 32 6.50 -22.19 7.28
C LYS D 32 7.61 -23.19 7.61
N TYR D 33 7.90 -24.09 6.69
CA TYR D 33 8.81 -25.19 6.97
C TYR D 33 9.92 -25.28 5.92
N LEU D 34 11.02 -25.89 6.35
CA LEU D 34 12.04 -26.39 5.48
C LEU D 34 12.12 -27.88 5.70
N GLY D 35 12.40 -28.60 4.63
CA GLY D 35 12.64 -30.02 4.75
C GLY D 35 12.06 -30.89 3.67
N TYR D 36 12.42 -32.17 3.76
CA TYR D 36 12.13 -33.12 2.76
C TYR D 36 12.00 -34.44 3.49
N PRO D 37 10.96 -35.24 3.20
CA PRO D 37 9.78 -34.84 2.41
C PRO D 37 8.94 -33.83 3.19
N PRO D 38 7.91 -33.24 2.58
CA PRO D 38 7.09 -32.24 3.28
C PRO D 38 6.53 -32.81 4.57
N PRO D 39 6.63 -32.08 5.68
CA PRO D 39 6.27 -32.63 6.98
C PRO D 39 4.77 -32.72 7.18
N GLU D 40 4.40 -33.59 8.13
CA GLU D 40 3.06 -33.59 8.69
C GLU D 40 2.95 -32.47 9.71
N ILE D 41 1.82 -31.76 9.68
CA ILE D 41 1.59 -30.58 10.52
C ILE D 41 0.46 -30.91 11.48
N LYS D 42 0.60 -30.47 12.73
CA LYS D 42 -0.47 -30.64 13.72
C LYS D 42 -0.47 -29.42 14.63
N TRP D 43 -1.64 -28.88 14.91
CA TRP D 43 -1.79 -27.70 15.75
C TRP D 43 -2.42 -28.06 17.08
N TYR D 44 -1.98 -27.36 18.13
CA TYR D 44 -2.44 -27.58 19.50
C TYR D 44 -2.72 -26.23 20.14
N LYS D 45 -3.80 -26.18 20.91
CA LYS D 45 -4.06 -25.07 21.81
C LYS D 45 -4.38 -25.63 23.20
N ASN D 46 -3.73 -25.08 24.23
CA ASN D 46 -3.88 -25.57 25.59
C ASN D 46 -3.56 -27.07 25.67
N GLY D 47 -2.58 -27.51 24.89
CA GLY D 47 -2.18 -28.90 24.92
C GLY D 47 -3.11 -29.85 24.22
N ILE D 48 -4.28 -29.38 23.77
CA ILE D 48 -5.25 -30.22 23.06
C ILE D 48 -5.07 -30.03 21.56
N PRO D 49 -5.07 -31.11 20.79
CA PRO D 49 -4.96 -30.97 19.34
C PRO D 49 -6.21 -30.32 18.75
N LEU D 50 -5.99 -29.44 17.78
CA LEU D 50 -7.09 -28.79 17.09
C LEU D 50 -7.58 -29.67 15.94
N GLU D 51 -8.89 -29.78 15.82
CA GLU D 51 -9.53 -30.41 14.67
C GLU D 51 -10.17 -29.35 13.77
N SER D 52 -10.19 -29.63 12.48
CA SER D 52 -10.79 -28.74 11.49
C SER D 52 -12.31 -28.88 11.45
N ASN D 53 -13.00 -27.74 11.43
CA ASN D 53 -14.45 -27.68 11.16
C ASN D 53 -14.72 -26.39 10.38
N HIS D 54 -16.00 -26.09 10.15
CA HIS D 54 -16.30 -24.97 9.27
C HIS D 54 -15.87 -23.63 9.86
N THR D 55 -15.57 -23.56 11.16
CA THR D 55 -15.11 -22.32 11.78
C THR D 55 -13.60 -22.16 11.75
N ILE D 56 -12.86 -23.26 11.66
CA ILE D 56 -11.42 -23.23 11.83
C ILE D 56 -10.81 -24.41 11.08
N LYS D 57 -9.72 -24.16 10.38
CA LYS D 57 -9.01 -25.21 9.67
C LYS D 57 -7.59 -25.28 10.18
N ALA D 58 -7.16 -26.46 10.62
CA ALA D 58 -5.85 -26.63 11.24
C ALA D 58 -4.96 -27.46 10.33
N GLY D 59 -4.62 -26.89 9.18
CA GLY D 59 -3.72 -27.54 8.26
C GLY D 59 -2.35 -26.90 8.23
N HIS D 60 -1.72 -26.81 7.05
CA HIS D 60 -0.44 -26.11 6.96
C HIS D 60 -0.56 -24.67 7.40
N VAL D 61 -1.73 -24.05 7.18
CA VAL D 61 -1.99 -22.71 7.69
C VAL D 61 -3.15 -22.82 8.65
N LEU D 62 -2.94 -22.36 9.87
CA LEU D 62 -4.05 -22.32 10.79
C LEU D 62 -4.91 -21.13 10.38
N THR D 63 -6.15 -21.40 9.99
CA THR D 63 -7.07 -20.35 9.55
C THR D 63 -8.28 -20.36 10.46
N ILE D 64 -8.56 -19.21 11.07
CA ILE D 64 -9.78 -19.01 11.85
C ILE D 64 -10.68 -18.07 11.05
N MET D 65 -11.83 -18.56 10.60
CA MET D 65 -12.66 -17.81 9.67
C MET D 65 -13.16 -16.48 10.25
N GLU D 66 -13.63 -16.48 11.50
CA GLU D 66 -14.07 -15.25 12.17
C GLU D 66 -13.53 -15.33 13.59
N VAL D 67 -12.38 -14.70 13.83
CA VAL D 67 -11.74 -14.82 15.13
C VAL D 67 -12.60 -14.13 16.19
N SER D 68 -12.63 -14.72 17.38
CA SER D 68 -13.30 -14.15 18.54
C SER D 68 -12.26 -13.90 19.62
N GLU D 69 -12.69 -13.16 20.63
CA GLU D 69 -11.79 -12.87 21.73
C GLU D 69 -11.29 -14.15 22.39
N ARG D 70 -12.15 -15.17 22.47
CA ARG D 70 -11.75 -16.40 23.13
C ARG D 70 -10.71 -17.19 22.35
N ASP D 71 -10.42 -16.79 21.11
CA ASP D 71 -9.36 -17.46 20.36
C ASP D 71 -7.97 -16.98 20.75
N THR D 72 -7.86 -15.88 21.49
CA THR D 72 -6.59 -15.39 22.05
C THR D 72 -5.86 -16.51 22.77
N GLY D 73 -4.55 -16.62 22.55
CA GLY D 73 -3.77 -17.59 23.30
C GLY D 73 -2.56 -18.08 22.51
N ASN D 74 -1.86 -19.03 23.13
CA ASN D 74 -0.68 -19.64 22.55
C ASN D 74 -1.05 -20.90 21.77
N TYR D 75 -0.68 -20.94 20.50
CA TYR D 75 -0.88 -22.09 19.64
C TYR D 75 0.48 -22.76 19.37
N THR D 76 0.54 -24.07 19.50
CA THR D 76 1.74 -24.82 19.16
C THR D 76 1.51 -25.57 17.87
N VAL D 77 2.46 -25.47 16.93
CA VAL D 77 2.47 -26.27 15.71
C VAL D 77 3.66 -27.21 15.75
N ILE D 78 3.43 -28.46 15.41
CA ILE D 78 4.50 -29.47 15.41
C ILE D 78 4.69 -30.00 14.01
N LEU D 79 5.91 -29.91 13.51
CA LEU D 79 6.27 -30.51 12.24
C LEU D 79 6.87 -31.87 12.51
N THR D 80 6.42 -32.87 11.75
CA THR D 80 6.93 -34.22 11.85
C THR D 80 7.45 -34.64 10.48
N ASN D 81 8.71 -34.99 10.40
CA ASN D 81 9.23 -35.50 9.14
C ASN D 81 8.68 -36.90 8.90
N PRO D 82 8.08 -37.16 7.75
CA PRO D 82 7.43 -38.46 7.56
C PRO D 82 8.39 -39.62 7.39
N ILE D 83 9.66 -39.37 7.04
CA ILE D 83 10.63 -40.44 6.94
C ILE D 83 11.38 -40.63 8.26
N SER D 84 11.99 -39.55 8.78
CA SER D 84 12.81 -39.67 9.98
C SER D 84 12.00 -39.63 11.26
N LYS D 85 10.75 -39.16 11.23
CA LYS D 85 9.92 -38.99 12.42
C LYS D 85 10.46 -37.94 13.39
N GLU D 86 11.46 -37.16 12.97
CA GLU D 86 11.93 -36.05 13.79
C GLU D 86 10.83 -34.98 13.90
N LYS D 87 10.86 -34.24 15.00
CA LYS D 87 9.81 -33.29 15.29
C LYS D 87 10.41 -31.94 15.62
N GLN D 88 9.66 -30.88 15.29
CA GLN D 88 10.01 -29.54 15.71
C GLN D 88 8.74 -28.83 16.14
N SER D 89 8.89 -27.95 17.11
CA SER D 89 7.74 -27.27 17.68
C SER D 89 7.98 -25.77 17.61
N HIS D 90 6.88 -25.05 17.54
CA HIS D 90 6.97 -23.60 17.55
C HIS D 90 5.67 -23.06 18.12
N VAL D 91 5.76 -22.02 18.93
CA VAL D 91 4.62 -21.43 19.60
C VAL D 91 4.33 -20.06 19.00
N VAL D 92 3.07 -19.85 18.62
CA VAL D 92 2.62 -18.56 18.13
C VAL D 92 1.66 -18.00 19.16
N SER D 93 1.89 -16.77 19.55
CA SER D 93 0.97 -16.05 20.41
C SER D 93 -0.01 -15.29 19.52
N LEU D 94 -1.29 -15.53 19.72
CA LEU D 94 -2.35 -14.83 18.99
C LEU D 94 -3.02 -13.84 19.94
N VAL D 95 -3.01 -12.57 19.56
CA VAL D 95 -3.65 -11.51 20.34
C VAL D 95 -4.83 -10.97 19.53
N VAL D 96 -6.00 -10.92 20.16
CA VAL D 96 -7.22 -10.50 19.49
C VAL D 96 -7.70 -9.20 20.12
N TYR D 97 -7.79 -8.15 19.30
CA TYR D 97 -8.21 -6.85 19.77
C TYR D 97 -9.73 -6.70 19.64
N VAL D 98 -10.30 -5.92 20.55
CA VAL D 98 -11.74 -5.76 20.65
C VAL D 98 -12.04 -4.27 20.55
N PRO D 99 -12.80 -3.82 19.55
CA PRO D 99 -13.19 -2.42 19.52
C PRO D 99 -14.10 -2.09 20.69
N PRO D 100 -14.15 -0.84 21.12
CA PRO D 100 -14.82 -0.52 22.38
C PRO D 100 -16.29 -0.87 22.37
N GLN D 101 -16.76 -1.36 23.52
CA GLN D 101 -18.17 -1.59 23.79
C GLN D 101 -18.52 -0.86 25.06
N ILE D 102 -19.64 -0.14 25.03
CA ILE D 102 -20.07 0.74 26.10
C ILE D 102 -21.14 0.01 26.90
N GLY D 103 -20.96 -0.10 28.20
CA GLY D 103 -21.85 -0.92 28.98
C GLY D 103 -23.28 -0.41 28.99
N GLU D 104 -24.23 -1.28 28.64
CA GLU D 104 -25.63 -0.90 28.68
C GLU D 104 -26.08 -0.68 30.12
N LYS D 105 -25.53 -1.45 31.04
CA LYS D 105 -25.77 -1.25 32.46
C LYS D 105 -24.89 -0.11 32.95
N SER D 106 -25.42 0.64 33.93
CA SER D 106 -24.91 1.87 34.52
C SER D 106 -25.17 3.07 33.60
N LEU D 107 -25.68 2.84 32.40
CA LEU D 107 -26.12 3.91 31.51
C LEU D 107 -27.63 4.11 31.56
N ILE D 108 -28.39 3.03 31.76
CA ILE D 108 -29.84 3.08 31.83
C ILE D 108 -30.26 3.27 33.29
N SER D 109 -31.18 4.20 33.52
CA SER D 109 -31.58 4.64 34.85
C SER D 109 -33.06 4.34 35.09
N PRO D 110 -33.50 4.36 36.35
CA PRO D 110 -34.93 4.36 36.66
C PRO D 110 -35.57 5.73 36.72
N VAL D 111 -34.90 6.76 36.24
CA VAL D 111 -35.37 8.12 36.34
C VAL D 111 -35.76 8.61 34.95
N ASP D 112 -36.94 9.21 34.82
CA ASP D 112 -37.26 9.82 33.55
C ASP D 112 -36.60 11.17 33.40
N SER D 113 -36.73 12.03 34.40
CA SER D 113 -36.14 13.37 34.36
C SER D 113 -35.36 13.71 35.64
N TYR D 114 -34.50 14.71 35.57
CA TYR D 114 -33.75 15.15 36.73
C TYR D 114 -34.19 16.56 37.15
N GLN D 115 -34.25 16.79 38.47
CA GLN D 115 -34.75 18.06 38.99
C GLN D 115 -33.85 19.23 38.60
N TYR D 116 -34.49 20.31 38.19
CA TYR D 116 -33.79 21.53 37.80
C TYR D 116 -32.79 21.97 38.85
N GLY D 117 -31.58 22.26 38.42
CA GLY D 117 -30.59 22.87 39.27
C GLY D 117 -29.69 21.91 40.03
N THR D 118 -30.01 20.62 40.05
CA THR D 118 -29.22 19.66 40.80
C THR D 118 -27.97 19.25 40.02
N THR D 119 -27.00 18.68 40.75
CA THR D 119 -25.85 18.03 40.12
C THR D 119 -26.27 16.61 39.72
N GLN D 120 -25.84 16.18 38.54
CA GLN D 120 -26.12 14.84 38.03
C GLN D 120 -24.90 14.31 37.28
N THR D 121 -24.81 12.97 37.20
CA THR D 121 -23.68 12.33 36.54
C THR D 121 -24.19 11.31 35.53
N LEU D 122 -23.61 11.35 34.34
CA LEU D 122 -23.75 10.28 33.37
C LEU D 122 -22.43 9.50 33.33
N THR D 123 -22.53 8.19 33.18
CA THR D 123 -21.34 7.36 33.23
C THR D 123 -21.30 6.48 32.01
N CYS D 124 -20.09 6.31 31.50
CA CYS D 124 -19.82 5.55 30.30
C CYS D 124 -18.75 4.55 30.69
N THR D 125 -19.12 3.27 30.66
CA THR D 125 -18.26 2.16 31.03
C THR D 125 -17.82 1.44 29.76
N VAL D 126 -16.52 1.42 29.49
CA VAL D 126 -16.01 0.97 28.19
C VAL D 126 -15.14 -0.27 28.39
N TYR D 127 -15.40 -1.29 27.57
CA TYR D 127 -14.53 -2.45 27.50
C TYR D 127 -13.91 -2.49 26.11
N ALA D 128 -12.59 -2.58 26.08
CA ALA D 128 -11.88 -2.62 24.79
C ALA D 128 -10.52 -3.23 25.04
N ILE D 129 -9.98 -3.84 23.99
CA ILE D 129 -8.65 -4.42 24.01
C ILE D 129 -7.90 -3.91 22.79
N PRO D 130 -6.86 -3.08 22.96
CA PRO D 130 -6.43 -2.51 24.24
C PRO D 130 -7.43 -1.50 24.78
N PRO D 131 -7.25 -1.10 26.04
CA PRO D 131 -8.13 -0.09 26.63
C PRO D 131 -8.22 1.17 25.79
N PRO D 132 -9.35 1.86 25.81
CA PRO D 132 -9.51 3.02 24.94
C PRO D 132 -8.52 4.11 25.35
N HIS D 133 -7.88 4.72 24.35
CA HIS D 133 -6.92 5.78 24.62
C HIS D 133 -7.58 7.15 24.72
N HIS D 134 -8.81 7.30 24.27
CA HIS D 134 -9.56 8.51 24.54
C HIS D 134 -11.03 8.15 24.69
N ILE D 135 -11.70 8.95 25.52
CA ILE D 135 -13.14 8.89 25.66
C ILE D 135 -13.62 10.33 25.61
N HIS D 136 -14.46 10.66 24.64
CA HIS D 136 -14.87 12.03 24.41
C HIS D 136 -16.36 12.14 24.64
N TRP D 137 -16.79 13.28 25.17
CA TRP D 137 -18.22 13.54 25.37
C TRP D 137 -18.69 14.64 24.45
N TYR D 138 -19.91 14.51 23.98
CA TYR D 138 -20.53 15.49 23.12
C TYR D 138 -21.96 15.71 23.60
N TRP D 139 -22.58 16.77 23.11
CA TRP D 139 -23.95 17.04 23.47
C TRP D 139 -24.65 17.78 22.34
N GLN D 140 -25.98 17.78 22.42
CA GLN D 140 -26.84 18.54 21.53
C GLN D 140 -28.24 18.58 22.14
N LEU D 141 -28.97 19.65 21.86
CA LEU D 141 -30.37 19.75 22.24
C LEU D 141 -31.21 18.91 21.27
N GLU D 142 -32.28 18.29 21.77
CA GLU D 142 -33.15 17.54 20.87
C GLU D 142 -33.76 18.45 19.81
N GLU D 143 -34.09 19.69 20.17
CA GLU D 143 -34.75 20.60 19.24
C GLU D 143 -33.86 20.97 18.06
N GLU D 144 -32.54 20.98 18.24
CA GLU D 144 -31.64 21.38 17.17
C GLU D 144 -31.36 20.24 16.19
N CYS D 145 -32.19 19.21 16.21
CA CYS D 145 -32.05 18.13 15.25
C CYS D 145 -33.38 17.86 14.54
N PRO D 160 -28.88 10.46 17.18
CA PRO D 160 -29.09 10.36 15.72
C PRO D 160 -29.02 11.71 15.03
N CYS D 161 -27.99 12.52 15.33
CA CYS D 161 -27.91 13.90 14.88
C CYS D 161 -26.65 14.15 14.06
N GLU D 162 -26.79 15.05 13.08
CA GLU D 162 -25.68 15.39 12.18
C GLU D 162 -24.66 16.30 12.83
N GLU D 163 -25.06 17.16 13.77
CA GLU D 163 -24.10 18.05 14.43
C GLU D 163 -24.08 17.78 15.93
N TRP D 164 -22.86 17.66 16.48
CA TRP D 164 -22.65 17.52 17.91
C TRP D 164 -21.66 18.58 18.39
N ARG D 165 -21.86 19.06 19.61
CA ARG D 165 -20.96 20.01 20.23
C ARG D 165 -20.13 19.32 21.31
N SER D 166 -18.89 19.78 21.46
CA SER D 166 -18.08 19.35 22.58
C SER D 166 -18.64 19.92 23.88
N VAL D 167 -18.55 19.12 24.94
CA VAL D 167 -19.08 19.53 26.25
C VAL D 167 -18.29 20.66 26.88
N GLU D 168 -17.15 21.04 26.31
CA GLU D 168 -16.45 22.25 26.76
C GLU D 168 -17.28 23.50 26.53
N ASP D 169 -18.19 23.48 25.55
CA ASP D 169 -19.03 24.61 25.19
C ASP D 169 -20.36 24.58 25.97
N PHE D 170 -20.51 25.51 26.93
CA PHE D 170 -21.62 25.58 27.86
C PHE D 170 -22.78 26.50 27.43
N GLN D 171 -22.67 27.19 26.28
CA GLN D 171 -23.58 28.30 26.00
C GLN D 171 -25.05 27.88 26.02
N GLY D 172 -25.44 27.00 25.11
CA GLY D 172 -26.83 26.61 25.19
C GLY D 172 -27.11 25.44 26.10
N GLY D 173 -26.10 24.90 26.75
CA GLY D 173 -26.28 23.70 27.54
C GLY D 173 -26.08 23.87 29.02
N ASN D 174 -25.59 22.80 29.64
CA ASN D 174 -25.25 22.77 31.05
C ASN D 174 -23.74 22.95 31.27
N LYS D 175 -23.39 23.55 32.42
CA LYS D 175 -22.00 23.53 32.91
C LYS D 175 -21.60 22.10 33.25
N ILE D 176 -20.47 21.66 32.71
CA ILE D 176 -20.07 20.27 32.77
C ILE D 176 -18.57 20.13 33.05
N GLU D 177 -18.22 19.05 33.74
CA GLU D 177 -16.84 18.65 33.90
C GLU D 177 -16.75 17.16 33.66
N VAL D 178 -15.71 16.72 32.96
CA VAL D 178 -15.42 15.31 32.74
C VAL D 178 -14.40 14.86 33.78
N ASN D 179 -14.73 13.84 34.56
CA ASN D 179 -13.73 13.27 35.45
C ASN D 179 -12.71 12.47 34.66
N LYS D 180 -11.52 12.35 35.22
CA LYS D 180 -10.47 11.55 34.59
C LYS D 180 -10.91 10.10 34.52
N ASN D 181 -10.37 9.38 33.55
CA ASN D 181 -10.69 7.97 33.43
C ASN D 181 -10.26 7.22 34.68
N GLN D 182 -11.14 6.36 35.15
CA GLN D 182 -10.84 5.40 36.20
C GLN D 182 -10.98 4.00 35.62
N PHE D 183 -10.52 3.01 36.38
CA PHE D 183 -10.55 1.65 35.88
C PHE D 183 -11.22 0.78 36.93
N ALA D 184 -12.10 -0.10 36.47
CA ALA D 184 -12.89 -0.93 37.36
C ALA D 184 -13.08 -2.31 36.75
N LEU D 185 -13.04 -3.31 37.62
CA LEU D 185 -13.35 -4.69 37.25
C LEU D 185 -14.83 -4.90 37.55
N ILE D 186 -15.66 -5.07 36.52
CA ILE D 186 -17.11 -5.10 36.67
C ILE D 186 -17.70 -6.44 36.20
N GLU D 187 -17.34 -6.89 35.01
CA GLU D 187 -17.88 -8.13 34.48
C GLU D 187 -16.85 -9.25 34.56
N GLY D 188 -15.97 -9.17 35.55
CA GLY D 188 -14.79 -10.02 35.56
C GLY D 188 -13.73 -9.51 34.61
N LYS D 189 -13.92 -8.32 34.05
CA LYS D 189 -13.04 -7.71 33.06
C LYS D 189 -12.75 -6.27 33.47
N ASN D 190 -11.55 -5.82 33.13
CA ASN D 190 -11.08 -4.47 33.43
C ASN D 190 -11.70 -3.47 32.46
N LYS D 191 -12.62 -2.64 32.94
CA LYS D 191 -13.30 -1.65 32.11
C LYS D 191 -12.86 -0.23 32.47
N THR D 192 -12.79 0.64 31.48
CA THR D 192 -12.50 2.04 31.72
C THR D 192 -13.80 2.79 31.94
N VAL D 193 -13.81 3.66 32.96
CA VAL D 193 -15.02 4.36 33.38
C VAL D 193 -14.83 5.86 33.26
N SER D 194 -15.62 6.47 32.39
CA SER D 194 -15.61 7.91 32.19
C SER D 194 -16.93 8.47 32.72
N THR D 195 -16.85 9.46 33.61
CA THR D 195 -18.02 10.05 34.23
C THR D 195 -18.11 11.52 33.82
N LEU D 196 -19.30 11.93 33.41
CA LEU D 196 -19.62 13.32 33.05
C LEU D 196 -20.42 13.93 34.19
N VAL D 197 -19.96 15.05 34.70
CA VAL D 197 -20.61 15.67 35.84
C VAL D 197 -21.34 16.89 35.33
N ILE D 198 -22.66 16.85 35.40
CA ILE D 198 -23.48 18.03 35.13
C ILE D 198 -23.63 18.79 36.43
N GLN D 199 -23.14 20.03 36.45
CA GLN D 199 -22.99 20.78 37.70
C GLN D 199 -24.33 21.23 38.24
N ALA D 200 -25.16 21.79 37.36
CA ALA D 200 -26.51 22.19 37.69
C ALA D 200 -27.40 21.85 36.50
N ALA D 201 -28.27 20.86 36.66
CA ALA D 201 -29.15 20.42 35.58
C ALA D 201 -30.12 21.54 35.29
N ASN D 202 -29.86 22.29 34.22
CA ASN D 202 -30.75 23.40 33.92
C ASN D 202 -31.37 23.33 32.53
N VAL D 203 -30.88 22.45 31.66
CA VAL D 203 -31.30 22.40 30.27
C VAL D 203 -31.40 20.94 29.85
N SER D 204 -32.51 20.57 29.23
CA SER D 204 -32.63 19.21 28.71
C SER D 204 -31.72 19.03 27.49
N ALA D 205 -31.07 17.88 27.39
CA ALA D 205 -30.12 17.68 26.29
C ALA D 205 -29.88 16.20 26.05
N LEU D 206 -29.23 15.93 24.93
CA LEU D 206 -28.69 14.62 24.61
C LEU D 206 -27.17 14.67 24.79
N TYR D 207 -26.62 13.61 25.36
CA TYR D 207 -25.19 13.49 25.55
C TYR D 207 -24.69 12.23 24.87
N LYS D 208 -23.49 12.30 24.30
CA LYS D 208 -22.87 11.19 23.60
C LYS D 208 -21.48 11.00 24.15
N CYS D 209 -21.18 9.81 24.63
CA CYS D 209 -19.81 9.43 24.92
C CYS D 209 -19.33 8.53 23.80
N GLU D 210 -18.15 8.82 23.30
CA GLU D 210 -17.54 8.08 22.22
C GLU D 210 -16.17 7.64 22.70
N ALA D 211 -15.87 6.36 22.53
CA ALA D 211 -14.65 5.77 23.03
C ALA D 211 -13.84 5.27 21.85
N VAL D 212 -12.54 5.54 21.86
CA VAL D 212 -11.70 5.17 20.75
C VAL D 212 -10.52 4.37 21.27
N ASN D 213 -10.16 3.31 20.56
CA ASN D 213 -8.98 2.54 20.89
C ASN D 213 -8.26 2.21 19.60
N LYS D 214 -7.21 1.39 19.73
CA LYS D 214 -6.32 1.13 18.61
C LYS D 214 -7.09 0.58 17.42
N VAL D 215 -8.18 -0.10 17.66
CA VAL D 215 -8.81 -0.93 16.65
C VAL D 215 -10.22 -0.50 16.25
N GLY D 216 -10.80 0.50 16.91
CA GLY D 216 -12.11 0.96 16.51
C GLY D 216 -12.65 1.97 17.48
N ARG D 217 -13.91 2.36 17.26
CA ARG D 217 -14.59 3.29 18.15
C ARG D 217 -15.97 2.75 18.47
N GLY D 218 -16.51 3.20 19.60
CA GLY D 218 -17.87 2.89 20.00
C GLY D 218 -18.45 4.08 20.73
N GLU D 219 -19.79 4.16 20.74
CA GLU D 219 -20.45 5.32 21.31
C GLU D 219 -21.79 4.94 21.91
N ARG D 220 -22.30 5.81 22.79
CA ARG D 220 -23.63 5.64 23.36
C ARG D 220 -24.23 7.02 23.57
N VAL D 221 -25.49 7.19 23.20
CA VAL D 221 -26.22 8.44 23.37
C VAL D 221 -27.16 8.31 24.57
N ILE D 222 -27.17 9.32 25.42
CA ILE D 222 -27.94 9.33 26.65
C ILE D 222 -28.89 10.52 26.62
N SER D 223 -30.16 10.28 26.99
CA SER D 223 -31.11 11.38 27.11
C SER D 223 -31.05 11.95 28.52
N PHE D 224 -31.12 13.27 28.61
CA PHE D 224 -31.01 13.98 29.88
C PHE D 224 -32.15 14.98 30.00
N HIS D 225 -33.25 14.52 30.58
CA HIS D 225 -34.42 15.37 30.69
C HIS D 225 -34.44 16.07 32.04
N VAL D 226 -34.73 17.37 31.99
CA VAL D 226 -34.74 18.26 33.15
C VAL D 226 -36.17 18.69 33.39
N THR D 227 -36.54 18.75 34.65
CA THR D 227 -37.90 19.00 35.05
C THR D 227 -37.87 19.83 36.32
N ARG D 228 -38.85 20.73 36.43
CA ARG D 228 -39.04 21.58 37.60
C ARG D 228 -40.17 21.09 38.47
N HIS D 229 -40.85 20.02 38.06
CA HIS D 229 -41.84 19.38 38.91
C HIS D 229 -41.16 18.68 40.08
N HIS D 230 -41.70 18.89 41.27
CA HIS D 230 -41.16 18.37 42.52
C HIS D 230 -42.17 18.71 43.62
N HIS D 231 -42.00 18.05 44.76
CA HIS D 231 -42.93 18.17 45.88
C HIS D 231 -42.37 19.05 46.99
N HIS D 232 -41.61 20.09 46.63
CA HIS D 232 -40.95 20.96 47.59
C HIS D 232 -41.91 22.06 48.07
C1 NAG E . 27.63 -6.68 -17.16
C2 NAG E . 26.72 -6.07 -18.24
C3 NAG E . 25.58 -5.27 -17.61
C4 NAG E . 24.85 -6.10 -16.56
C5 NAG E . 25.85 -6.64 -15.55
C6 NAG E . 25.23 -7.55 -14.51
C7 NAG E . 28.06 -5.68 -20.27
C8 NAG E . 28.82 -4.68 -21.09
N2 NAG E . 27.49 -5.23 -19.14
O3 NAG E . 24.70 -4.87 -18.65
O4 NAG E . 23.89 -5.31 -15.87
O5 NAG E . 26.83 -7.43 -16.24
O6 NAG E . 25.60 -8.91 -14.70
O7 NAG E . 27.97 -6.86 -20.61
C1 NAG E . 22.59 -5.41 -16.53
C2 NAG E . 21.52 -6.03 -15.60
C3 NAG E . 20.15 -6.00 -16.28
C4 NAG E . 19.82 -4.61 -16.80
C5 NAG E . 20.94 -4.09 -17.69
C6 NAG E . 20.73 -2.67 -18.16
C7 NAG E . 21.45 -8.00 -14.11
C8 NAG E . 21.92 -9.41 -13.91
N2 NAG E . 21.88 -7.39 -15.22
O3 NAG E . 19.15 -6.43 -15.37
O4 NAG E . 18.60 -4.64 -17.54
O5 NAG E . 22.17 -4.11 -16.95
O6 NAG E . 19.43 -2.49 -18.69
O7 NAG E . 20.71 -7.45 -13.30
C1 NAG F . 15.25 -4.10 -0.79
C2 NAG F . 14.07 -3.60 -1.61
C3 NAG F . 13.40 -2.44 -0.89
C4 NAG F . 12.97 -2.88 0.50
C5 NAG F . 14.17 -3.47 1.26
C6 NAG F . 13.80 -4.10 2.58
C7 NAG F . 13.86 -3.58 -4.06
C8 NAG F . 14.42 -3.07 -5.35
N2 NAG F . 14.49 -3.19 -2.94
O3 NAG F . 12.28 -2.02 -1.65
O4 NAG F . 12.46 -1.76 1.20
O5 NAG F . 14.80 -4.51 0.49
O6 NAG F . 12.95 -5.22 2.39
O7 NAG F . 12.87 -4.29 -4.03
C1 NAG F . 11.05 -1.89 1.53
C2 NAG F . 10.80 -0.87 2.65
C3 NAG F . 9.32 -0.84 3.03
C4 NAG F . 8.44 -0.67 1.80
C5 NAG F . 8.78 -1.74 0.78
C6 NAG F . 8.00 -1.60 -0.51
C7 NAG F . 12.82 -0.63 4.03
C8 NAG F . 13.53 -1.07 5.27
N2 NAG F . 11.62 -1.17 3.81
O3 NAG F . 9.08 0.24 3.93
O4 NAG F . 7.07 -0.76 2.15
O5 NAG F . 10.17 -1.63 0.44
O6 NAG F . 8.80 -1.92 -1.64
O7 NAG F . 13.31 0.18 3.25
C1 NAG G . 8.85 15.79 -5.49
C2 NAG G . 7.39 15.30 -5.37
C3 NAG G . 6.56 16.29 -4.57
C4 NAG G . 7.20 16.61 -3.23
C5 NAG G . 8.62 17.10 -3.45
C6 NAG G . 9.38 17.37 -2.18
C7 NAG G . 6.84 13.95 -7.35
C8 NAG G . 6.21 13.98 -8.72
N2 NAG G . 6.82 15.12 -6.69
O3 NAG G . 5.26 15.74 -4.35
O4 NAG G . 6.42 17.60 -2.56
O5 NAG G . 9.36 16.10 -4.17
O6 NAG G . 9.40 16.22 -1.34
O7 NAG G . 7.31 12.93 -6.86
C1 NAG G . 5.98 17.18 -1.24
C2 NAG G . 5.53 18.44 -0.48
C3 NAG G . 4.95 18.07 0.90
C4 NAG G . 3.91 16.96 0.78
C5 NAG G . 4.53 15.79 0.04
C6 NAG G . 3.61 14.59 -0.12
C7 NAG G . 6.78 20.46 -1.09
C8 NAG G . 7.98 21.29 -0.79
N2 NAG G . 6.63 19.36 -0.33
O3 NAG G . 4.37 19.22 1.48
O4 NAG G . 3.48 16.56 2.08
O5 NAG G . 4.91 16.21 -1.28
O6 NAG G . 2.71 14.76 -1.21
O7 NAG G . 5.99 20.74 -1.98
C1 NAG H . 19.53 49.35 -9.56
C2 NAG H . 20.15 50.54 -8.84
C3 NAG H . 20.02 50.38 -7.32
C4 NAG H . 18.58 50.06 -6.93
C5 NAG H . 18.02 48.91 -7.77
C6 NAG H . 16.54 48.66 -7.57
C7 NAG H . 21.98 51.54 -10.15
C8 NAG H . 23.47 51.58 -10.39
N2 NAG H . 21.56 50.71 -9.20
O3 NAG H . 20.48 51.57 -6.69
O4 NAG H . 18.51 49.69 -5.55
O5 NAG H . 18.18 49.21 -9.17
O6 NAG H . 15.75 49.82 -7.81
O7 NAG H . 21.20 52.22 -10.81
C1 NAG H . 17.75 50.65 -4.78
C2 NAG H . 17.13 49.98 -3.54
C3 NAG H . 16.38 51.02 -2.70
C4 NAG H . 17.28 52.22 -2.39
C5 NAG H . 17.90 52.77 -3.67
C6 NAG H . 18.91 53.86 -3.42
C7 NAG H . 16.48 47.61 -3.57
C8 NAG H . 15.44 46.62 -4.00
N2 NAG H . 16.24 48.88 -3.90
O3 NAG H . 15.93 50.42 -1.50
O4 NAG H . 16.53 53.24 -1.75
O5 NAG H . 18.59 51.74 -4.38
O6 NAG H . 20.17 53.53 -4.01
O7 NAG H . 17.48 47.28 -2.94
C1 NAG I . -14.72 -25.98 15.78
C2 NAG I . -15.92 -26.19 16.67
C3 NAG I . -15.73 -25.40 17.95
C4 NAG I . -14.44 -25.82 18.63
C5 NAG I . -13.25 -25.81 17.66
C6 NAG I . -12.01 -26.48 18.24
C7 NAG I . -17.98 -26.68 15.40
C8 NAG I . -17.62 -28.13 15.55
N2 NAG I . -17.15 -25.79 15.98
O3 NAG I . -16.84 -25.62 18.81
O4 NAG I . -14.15 -24.90 19.70
O5 NAG I . -13.56 -26.50 16.43
O6 NAG I . -11.07 -26.93 17.27
O7 NAG I . -18.98 -26.32 14.80
C1 NAG I . -14.48 -25.41 21.00
C2 NAG I . -13.30 -25.18 21.95
C3 NAG I . -13.64 -25.70 23.35
C4 NAG I . -14.91 -25.02 23.85
C5 NAG I . -16.04 -25.25 22.86
C6 NAG I . -17.32 -24.52 23.24
C7 NAG I . -10.89 -25.21 21.43
C8 NAG I . -10.84 -23.83 21.98
N2 NAG I . -12.09 -25.82 21.44
O3 NAG I . -12.56 -25.40 24.24
O4 NAG I . -15.28 -25.53 25.13
O5 NAG I . -15.67 -24.77 21.55
O6 NAG I . -18.47 -25.31 22.97
O7 NAG I . -9.89 -25.77 20.98
C1 NAG J . 2.09 -17.84 26.08
C2 NAG J . 1.49 -17.29 27.36
C3 NAG J . 2.32 -16.12 27.85
C4 NAG J . 3.79 -16.51 27.98
C5 NAG J . 4.29 -17.18 26.70
C6 NAG J . 5.67 -17.80 26.82
C7 NAG J . -0.92 -17.77 27.15
C8 NAG J . -2.28 -17.19 26.92
N2 NAG J . 0.10 -16.90 27.16
O3 NAG J . 1.82 -15.68 29.11
O4 NAG J . 4.57 -15.33 28.19
O5 NAG J . 3.42 -18.25 26.30
O6 NAG J . 6.10 -18.31 25.58
O7 NAG J . -0.74 -18.98 27.32
C1 NAG J . 5.42 -15.43 29.36
C2 NAG J . 6.73 -14.66 29.09
C3 NAG J . 7.65 -14.74 30.31
C4 NAG J . 6.90 -14.30 31.58
C5 NAG J . 5.58 -15.06 31.72
C6 NAG J . 4.74 -14.56 32.89
C7 NAG J . 7.97 -14.39 26.96
C8 NAG J . 7.88 -12.91 27.20
N2 NAG J . 7.41 -15.16 27.90
O3 NAG J . 8.80 -13.93 30.10
O4 NAG J . 7.71 -14.54 32.72
O5 NAG J . 4.79 -14.90 30.54
O6 NAG J . 3.93 -13.45 32.52
O7 NAG J . 8.53 -14.85 25.98
C1 NAG K . -7.01 -2.02 34.60
C2 NAG K . -5.95 -2.47 35.58
C3 NAG K . -5.16 -1.27 36.05
C4 NAG K . -4.28 -0.77 34.92
C5 NAG K . -5.06 -0.66 33.60
C6 NAG K . -4.48 -1.50 32.48
C7 NAG K . -6.94 -4.45 36.67
C8 NAG K . -7.54 -5.00 37.93
N2 NAG K . -6.55 -3.17 36.71
O3 NAG K . -4.38 -1.63 37.19
O4 NAG K . -3.74 0.51 35.25
O5 NAG K . -6.46 -0.97 33.68
O6 NAG K . -4.37 -0.75 31.28
O7 NAG K . -6.80 -5.14 35.65
C1 NAG K . -2.36 0.40 35.61
C2 NAG K . -1.66 1.70 35.21
C3 NAG K . -0.18 1.62 35.59
C4 NAG K . -0.03 1.31 37.08
C5 NAG K . -0.81 0.05 37.45
C6 NAG K . -0.83 -0.21 38.94
C7 NAG K . -2.38 3.07 33.31
C8 NAG K . -2.47 3.18 31.82
N2 NAG K . -1.81 1.95 33.79
O3 NAG K . 0.46 2.86 35.28
O4 NAG K . 1.34 1.12 37.41
O5 NAG K . -2.18 0.18 37.03
O6 NAG K . -2.15 -0.35 39.43
O7 NAG K . -2.81 3.96 34.05
C1 GLC L . -7.93 25.02 -13.03
C2 GLC L . -8.91 25.69 -12.06
C3 GLC L . -8.25 26.08 -10.73
C4 GLC L . -7.43 24.91 -10.18
C5 GLC L . -6.51 24.31 -11.24
C6 GLC L . -5.82 23.05 -10.75
O2 GLC L . -9.54 26.83 -12.68
O3 GLC L . -9.28 26.46 -9.80
O4 GLC L . -6.64 25.35 -9.07
O5 GLC L . -7.26 23.94 -12.40
O6 GLC L . -5.30 22.35 -11.88
C1 GLC L . -6.45 25.44 -14.81
C2 GLC L . -5.27 26.26 -15.29
C3 GLC L . -5.71 27.65 -15.76
C4 GLC L . -6.89 27.57 -16.73
C5 GLC L . -8.02 26.75 -16.09
C6 GLC L . -9.29 26.61 -16.95
O1 GLC L . -6.98 25.94 -13.57
O2 GLC L . -4.27 26.34 -14.27
O3 GLC L . -4.64 28.34 -16.42
O4 GLC L . -7.34 28.89 -17.07
O5 GLC L . -7.50 25.44 -15.79
O6 GLC L . -10.37 26.05 -16.18
C1 GLC M . 35.57 0.19 1.89
C2 GLC M . 34.15 -0.03 1.35
C3 GLC M . 34.16 -0.59 -0.08
C4 GLC M . 35.03 0.34 -0.95
C5 GLC M . 36.42 0.49 -0.34
C6 GLC M . 37.32 1.37 -1.21
O2 GLC M . 33.42 -0.88 2.25
O3 GLC M . 32.81 -0.79 -0.58
O4 GLC M . 35.19 -0.12 -2.30
O5 GLC M . 36.32 1.04 0.99
O6 GLC M . 36.82 2.71 -1.23
C1 GLC M . 37.47 -1.00 2.81
C2 GLC M . 38.43 -2.12 2.38
C3 GLC M . 38.00 -3.49 2.92
C4 GLC M . 37.75 -3.41 4.43
C5 GLC M . 36.72 -2.31 4.68
C6 GLC M . 36.35 -2.23 6.15
O1 GLC M . 36.25 -1.07 2.07
O2 GLC M . 38.51 -2.16 0.94
O3 GLC M . 38.99 -4.49 2.61
O4 GLC M . 37.25 -4.66 4.94
O5 GLC M . 37.23 -1.06 4.23
O6 GLC M . 35.33 -1.24 6.31
C1 GLC N . -28.93 31.83 21.57
C2 GLC N . -27.84 32.50 20.74
C3 GLC N . -27.88 33.98 21.10
C4 GLC N . -29.21 34.50 20.56
C5 GLC N . -30.37 33.77 21.24
C6 GLC N . -31.71 34.13 20.60
O2 GLC N . -26.54 31.95 21.01
O3 GLC N . -26.75 34.71 20.59
O4 GLC N . -29.29 35.93 20.75
O5 GLC N . -30.22 32.34 21.19
O6 GLC N . -32.81 33.74 21.45
C1 GLC N . -29.41 31.49 23.98
C2 GLC N . -28.46 30.65 24.86
C3 GLC N . -29.19 29.55 25.61
C4 GLC N . -30.61 30.01 25.87
C5 GLC N . -31.32 30.05 24.51
C6 GLC N . -32.74 30.61 24.56
O1 GLC N . -28.60 32.08 22.95
O2 GLC N . -27.37 30.15 24.07
O3 GLC N . -28.56 29.22 26.86
O4 GLC N . -31.23 29.12 26.80
O5 GLC N . -30.56 30.76 23.52
O6 GLC N . -33.30 30.51 25.88
CA CA O . -14.09 -38.51 0.73
CA CA P . -4.27 -24.82 -17.96
CA CA Q . 19.66 -28.56 0.50
NA NA R . 10.81 -5.18 -4.01
CA CA S . 20.01 -21.04 6.24
AS CAC T . 28.59 48.01 -12.21
O1 CAC T . 28.70 46.29 -12.01
O2 CAC T . 28.98 48.97 -13.61
C1 CAC T . 27.23 49.12 -11.34
C2 CAC T . 28.82 48.57 -10.35
C ACT U . 34.22 40.47 -15.62
O ACT U . 34.09 39.24 -15.30
OXT ACT U . 34.33 41.45 -14.85
CH3 ACT U . 34.24 40.86 -17.15
#